data_5I4V
#
_entry.id   5I4V
#
_cell.length_a   68.637
_cell.length_b   101.221
_cell.length_c   143.274
_cell.angle_alpha   90.00
_cell.angle_beta   90.00
_cell.angle_gamma   90.00
#
_symmetry.space_group_name_H-M   'P 21 21 21'
#
loop_
_entity.id
_entity.type
_entity.pdbx_description
1 polymer 'Oxysterols receptor LXR-beta,Nuclear receptor coactivator 2'
2 polymer 'Retinoic acid receptor RXR-beta,Nuclear receptor coactivator 2'
3 non-polymer {2-[(2R)-4-[4-(hydroxymethyl)-3-(methylsulfonyl)phenyl]-2-(propan-2-yl)piperazin-1-yl]-4-(trifluoromethyl)pyrimidin-5-yl}methanol
4 water water
#
loop_
_entity_poly.entity_id
_entity_poly.type
_entity_poly.pdbx_seq_one_letter_code
_entity_poly.pdbx_strand_id
1 'polypeptide(L)'
;GSHMGEGVQLTAAQELMIQQLVAAQLQCNKRSFSDQPKVTPWPLGADPASGSASQQRFAHFTELAIISVQEIVDFAKQVP
GFLQLGREDQIALLKASTIEIMLLETARRYNHETECITFLKDFTYSKDDFHRAGLQVEFINPIFEFSRAMRRLGLDDAEY
ALLIAINIFSADRPNVQEPGRVEALQQPYVEALLSYTRIKRPQDQLRFPRMLMKLVSLRTLSSVHSEQVFALRLQDKKLP
PLLSEIWDVHEGSGSGSHKILHRLLQDSSS
;
A,E
2 'polypeptide(L)'
;MGAPEEMPVDRILEAELAVEQKSDQGVEGPGGTGGSGSSPNDPVTNICQAADKQLFTLVEWAKRIPHFSSLPLDDQVILL
RAGWNELLIASFSHRSIDVRDGILLATGLHVHRNSAHSAGVGAIFDRVLTELVSKMRDMRMDKTELGCLRAIILFNPDAK
GLSNPSEVEVLREKVYASLETYCKQKYPEQQGRFAKLLLRLPALRSIGLKCLEHLFFFKLIGDTPIDTFLMEMLEAGSGS
GSHKILHRLLQDSSS
;
B,F
#
loop_
_chem_comp.id
_chem_comp.type
_chem_comp.name
_chem_comp.formula
67S non-polymer {2-[(2R)-4-[4-(hydroxymethyl)-3-(methylsulfonyl)phenyl]-2-(propan-2-yl)piperazin-1-yl]-4-(trifluoromethyl)pyrimidin-5-yl}methanol 'C21 H27 F3 N4 O4 S'
#
# COMPACT_ATOMS: atom_id res chain seq x y z
N VAL A 8 48.56 3.93 3.41
CA VAL A 8 49.83 3.23 3.80
C VAL A 8 50.12 3.41 5.31
N GLN A 9 49.72 4.54 5.91
CA GLN A 9 49.96 4.82 7.35
C GLN A 9 48.73 5.37 8.08
N LEU A 10 48.68 5.12 9.39
CA LEU A 10 47.57 5.58 10.22
C LEU A 10 47.94 6.85 10.98
N THR A 11 47.19 7.92 10.73
CA THR A 11 47.40 9.17 11.44
C THR A 11 47.03 9.02 12.91
N ALA A 12 47.70 9.78 13.77
CA ALA A 12 47.34 9.86 15.18
C ALA A 12 45.87 10.22 15.31
N ALA A 13 45.45 11.28 14.64
CA ALA A 13 44.03 11.64 14.56
C ALA A 13 43.18 10.42 14.25
N GLN A 14 43.55 9.69 13.21
CA GLN A 14 42.81 8.49 12.80
C GLN A 14 42.79 7.44 13.89
N GLU A 15 43.93 7.19 14.52
CA GLU A 15 44.00 6.21 15.59
C GLU A 15 43.05 6.59 16.70
N LEU A 16 43.05 7.87 17.04
CA LEU A 16 42.26 8.34 18.18
C LEU A 16 40.77 8.31 17.88
N MET A 17 40.42 8.56 16.63
CA MET A 17 39.01 8.45 16.25
C MET A 17 38.54 7.00 16.34
N ILE A 18 39.33 6.08 15.83
CA ILE A 18 38.97 4.67 15.87
C ILE A 18 38.83 4.23 17.32
N GLN A 19 39.82 4.58 18.12
CA GLN A 19 39.82 4.30 19.54
C GLN A 19 38.53 4.80 20.18
N GLN A 20 38.11 6.01 19.81
CA GLN A 20 36.91 6.62 20.36
C GLN A 20 35.66 5.80 20.03
N LEU A 21 35.57 5.33 18.80
CA LEU A 21 34.41 4.57 18.36
C LEU A 21 34.34 3.24 19.08
N VAL A 22 35.45 2.55 19.13
CA VAL A 22 35.50 1.28 19.82
C VAL A 22 35.12 1.46 21.29
N ALA A 23 35.64 2.50 21.91
CA ALA A 23 35.33 2.77 23.30
C ALA A 23 33.83 3.05 23.47
N ALA A 24 33.25 3.83 22.55
CA ALA A 24 31.84 4.18 22.63
C ALA A 24 30.93 2.94 22.55
N GLN A 25 31.30 1.96 21.74
CA GLN A 25 30.52 0.73 21.63
C GLN A 25 30.52 -0.09 22.90
N LEU A 26 31.66 -0.14 23.59
CA LEU A 26 31.74 -0.92 24.81
C LEU A 26 30.94 -0.26 25.92
N GLN A 27 31.02 1.06 25.98
CA GLN A 27 30.25 1.87 26.91
C GLN A 27 28.76 1.64 26.67
N CYS A 28 28.36 1.56 25.39
CA CYS A 28 26.98 1.32 25.02
C CYS A 28 26.54 -0.11 25.35
N ASN A 29 27.40 -1.09 25.10
CA ASN A 29 27.10 -2.47 25.47
C ASN A 29 26.84 -2.61 26.95
N LYS A 30 27.70 -2.01 27.77
CA LYS A 30 27.55 -2.05 29.23
C LYS A 30 26.15 -1.57 29.65
N ARG A 31 25.71 -0.43 29.11
CA ARG A 31 24.38 0.12 29.41
C ARG A 31 23.27 -0.85 29.03
N SER A 32 23.42 -1.50 27.86
CA SER A 32 22.45 -2.49 27.41
C SER A 32 22.36 -3.68 28.35
N PHE A 33 23.49 -4.18 28.83
CA PHE A 33 23.44 -5.27 29.82
C PHE A 33 22.73 -4.88 31.14
N SER A 34 22.82 -3.61 31.54
CA SER A 34 22.07 -3.10 32.71
C SER A 34 20.57 -3.34 32.57
N ASP A 35 20.07 -3.26 31.33
CA ASP A 35 18.65 -3.41 31.03
C ASP A 35 18.20 -4.89 30.89
N GLN A 36 19.07 -5.85 31.15
CA GLN A 36 18.69 -7.27 31.01
C GLN A 36 17.51 -7.64 31.93
N PRO A 37 17.50 -7.15 33.19
CA PRO A 37 16.36 -7.45 34.05
C PRO A 37 15.06 -6.79 33.59
N LYS A 38 15.15 -5.77 32.74
CA LYS A 38 13.98 -5.09 32.17
C LYS A 38 13.18 -5.93 31.19
N VAL A 39 13.79 -7.00 30.66
CA VAL A 39 13.22 -7.77 29.56
C VAL A 39 12.26 -8.84 30.05
N THR A 40 11.14 -8.98 29.35
CA THR A 40 10.20 -10.06 29.61
C THR A 40 10.95 -11.38 29.55
N PRO A 41 10.85 -12.20 30.61
CA PRO A 41 11.62 -13.44 30.56
C PRO A 41 11.16 -14.34 29.41
N TRP A 42 12.11 -15.09 28.87
CA TRP A 42 11.85 -16.02 27.77
C TRP A 42 11.14 -17.24 28.35
N PRO A 43 9.94 -17.57 27.84
CA PRO A 43 9.14 -18.59 28.53
C PRO A 43 9.82 -19.94 28.71
N LEU A 44 9.60 -20.53 29.89
CA LEU A 44 10.23 -21.79 30.29
C LEU A 44 9.15 -22.84 30.50
N GLY A 45 9.46 -24.06 30.10
CA GLY A 45 8.54 -25.17 30.28
C GLY A 45 7.75 -25.43 29.02
N ALA A 46 6.78 -26.33 29.13
CA ALA A 46 5.90 -26.66 28.02
C ALA A 46 4.82 -25.57 27.83
N ASP A 47 4.58 -25.18 26.58
CA ASP A 47 3.69 -24.06 26.24
C ASP A 47 2.22 -24.27 26.61
N PRO A 48 1.67 -23.38 27.44
CA PRO A 48 0.23 -23.47 27.73
C PRO A 48 -0.69 -23.22 26.52
N ALA A 49 -1.86 -23.86 26.54
CA ALA A 49 -2.86 -23.71 25.47
C ALA A 49 -3.39 -22.29 25.29
N SER A 50 -3.32 -21.48 26.35
CA SER A 50 -3.64 -20.05 26.28
C SER A 50 -2.93 -19.33 25.14
N GLY A 51 -1.78 -19.86 24.72
CA GLY A 51 -1.04 -19.28 23.60
C GLY A 51 -0.09 -18.19 24.05
N SER A 52 0.05 -18.05 25.37
CA SER A 52 0.77 -16.91 25.95
C SER A 52 2.28 -17.02 25.81
N ALA A 53 2.79 -18.23 25.64
CA ALA A 53 4.22 -18.40 25.42
C ALA A 53 4.67 -17.70 24.14
N SER A 54 3.88 -17.82 23.07
CA SER A 54 4.17 -17.15 21.80
C SER A 54 4.24 -15.66 21.95
N GLN A 55 3.26 -15.11 22.66
CA GLN A 55 3.15 -13.67 22.83
C GLN A 55 4.34 -13.19 23.65
N GLN A 56 4.74 -14.01 24.63
CA GLN A 56 5.90 -13.70 25.45
C GLN A 56 7.23 -13.72 24.69
N ARG A 57 7.42 -14.73 23.85
CA ARG A 57 8.62 -14.79 23.02
C ARG A 57 8.72 -13.62 22.09
N PHE A 58 7.60 -13.26 21.48
CA PHE A 58 7.54 -12.10 20.60
C PHE A 58 7.81 -10.81 21.34
N ALA A 59 7.27 -10.69 22.55
CA ALA A 59 7.50 -9.51 23.38
C ALA A 59 8.93 -9.46 23.85
N HIS A 60 9.51 -10.63 24.13
CA HIS A 60 10.90 -10.72 24.53
C HIS A 60 11.79 -10.12 23.43
N PHE A 61 11.66 -10.65 22.22
CA PHE A 61 12.44 -10.17 21.08
C PHE A 61 12.21 -8.69 20.79
N THR A 62 10.95 -8.28 20.85
CA THR A 62 10.60 -6.88 20.63
C THR A 62 11.32 -5.96 21.62
N GLU A 63 11.40 -6.39 22.87
CA GLU A 63 12.06 -5.59 23.89
C GLU A 63 13.56 -5.50 23.61
N LEU A 64 14.17 -6.61 23.22
CA LEU A 64 15.56 -6.62 22.80
C LEU A 64 15.81 -5.62 21.65
N ALA A 65 14.92 -5.61 20.66
CA ALA A 65 15.02 -4.67 19.57
C ALA A 65 14.98 -3.25 20.09
N ILE A 66 14.08 -2.95 21.03
CA ILE A 66 13.98 -1.60 21.59
C ILE A 66 15.31 -1.18 22.20
N ILE A 67 15.88 -2.05 23.00
CA ILE A 67 17.15 -1.76 23.63
C ILE A 67 18.18 -1.51 22.54
N SER A 68 18.15 -2.33 21.51
CA SER A 68 19.06 -2.15 20.40
C SER A 68 18.98 -0.75 19.80
N VAL A 69 17.77 -0.22 19.67
CA VAL A 69 17.58 1.11 19.10
C VAL A 69 18.18 2.16 20.03
N GLN A 70 17.88 2.07 21.32
CA GLN A 70 18.52 2.91 22.33
C GLN A 70 20.04 2.83 22.24
N GLU A 71 20.57 1.61 22.10
CA GLU A 71 22.01 1.41 22.01
C GLU A 71 22.57 2.13 20.79
N ILE A 72 21.87 2.03 19.67
CA ILE A 72 22.30 2.66 18.43
C ILE A 72 22.28 4.18 18.52
N VAL A 73 21.25 4.73 19.15
CA VAL A 73 21.16 6.16 19.37
C VAL A 73 22.28 6.65 20.28
N ASP A 74 22.49 5.96 21.40
CA ASP A 74 23.60 6.29 22.30
C ASP A 74 24.92 6.31 21.54
N PHE A 75 25.13 5.32 20.68
CA PHE A 75 26.37 5.23 19.94
C PHE A 75 26.50 6.41 18.98
N ALA A 76 25.45 6.67 18.21
CA ALA A 76 25.49 7.73 17.20
C ALA A 76 25.95 9.04 17.80
N LYS A 77 25.39 9.37 18.97
CA LYS A 77 25.69 10.64 19.64
C LYS A 77 27.18 10.80 19.96
N GLN A 78 27.87 9.69 20.14
CA GLN A 78 29.30 9.70 20.42
C GLN A 78 30.19 9.60 19.19
N VAL A 79 29.58 9.44 18.02
CA VAL A 79 30.34 9.45 16.77
C VAL A 79 30.67 10.89 16.42
N PRO A 80 31.97 11.23 16.38
CA PRO A 80 32.32 12.62 16.15
C PRO A 80 31.72 13.13 14.84
N GLY A 81 30.96 14.21 14.92
CA GLY A 81 30.33 14.84 13.76
C GLY A 81 28.83 14.74 13.78
N PHE A 82 28.33 13.60 14.24
CA PHE A 82 26.91 13.33 14.20
C PHE A 82 26.07 14.44 14.85
N LEU A 83 26.54 15.00 15.96
CA LEU A 83 25.77 16.01 16.69
C LEU A 83 25.83 17.38 16.05
N GLN A 84 26.74 17.58 15.11
CA GLN A 84 26.82 18.82 14.35
C GLN A 84 25.76 18.91 13.24
N LEU A 85 25.06 17.81 12.95
CA LEU A 85 23.98 17.81 11.96
C LEU A 85 22.70 18.29 12.58
N GLY A 86 21.77 18.75 11.73
CA GLY A 86 20.45 19.14 12.13
C GLY A 86 19.72 17.95 12.68
N ARG A 87 18.73 18.19 13.52
CA ARG A 87 18.04 17.12 14.21
C ARG A 87 17.13 16.32 13.27
N GLU A 88 16.65 16.94 12.20
CA GLU A 88 15.85 16.22 11.23
C GLU A 88 16.69 15.21 10.47
N ASP A 89 17.93 15.55 10.19
CA ASP A 89 18.84 14.63 9.50
C ASP A 89 19.35 13.51 10.42
N GLN A 90 19.64 13.84 11.67
CA GLN A 90 19.99 12.83 12.66
C GLN A 90 18.92 11.75 12.69
N ILE A 91 17.67 12.17 12.75
CA ILE A 91 16.53 11.27 12.72
C ILE A 91 16.47 10.46 11.44
N ALA A 92 16.62 11.15 10.31
CA ALA A 92 16.52 10.50 9.01
C ALA A 92 17.61 9.45 8.85
N LEU A 93 18.82 9.75 9.32
CA LEU A 93 19.92 8.82 9.20
C LEU A 93 19.72 7.58 10.06
N LEU A 94 19.23 7.76 11.28
CA LEU A 94 18.98 6.63 12.17
C LEU A 94 17.81 5.77 11.73
N LYS A 95 16.71 6.39 11.26
CA LYS A 95 15.55 5.64 10.76
C LYS A 95 15.99 4.60 9.77
N ALA A 96 16.76 5.03 8.78
CA ALA A 96 17.18 4.15 7.69
C ALA A 96 18.22 3.11 8.08
N SER A 97 19.11 3.47 9.00
CA SER A 97 20.28 2.64 9.25
C SER A 97 20.10 1.71 10.44
N THR A 98 19.08 1.95 11.24
CA THR A 98 18.87 1.17 12.45
C THR A 98 18.87 -0.32 12.14
N ILE A 99 18.05 -0.73 11.20
CA ILE A 99 17.95 -2.14 10.85
C ILE A 99 19.28 -2.69 10.35
N GLU A 100 19.99 -1.89 9.57
CA GLU A 100 21.24 -2.31 8.98
C GLU A 100 22.28 -2.52 10.08
N ILE A 101 22.35 -1.57 11.00
CA ILE A 101 23.26 -1.69 12.13
C ILE A 101 22.84 -2.85 13.01
N MET A 102 21.55 -2.97 13.28
CA MET A 102 21.04 -4.11 14.03
C MET A 102 21.56 -5.42 13.45
N LEU A 103 21.58 -5.51 12.13
CA LEU A 103 22.04 -6.71 11.46
C LEU A 103 23.55 -6.89 11.58
N LEU A 104 24.30 -5.81 11.50
CA LEU A 104 25.72 -5.89 11.75
C LEU A 104 25.97 -6.37 13.16
N GLU A 105 25.33 -5.73 14.13
CA GLU A 105 25.51 -6.14 15.53
C GLU A 105 25.06 -7.58 15.74
N THR A 106 24.07 -8.01 14.98
CA THR A 106 23.60 -9.38 15.08
C THR A 106 24.69 -10.37 14.61
N ALA A 107 25.22 -10.14 13.41
CA ALA A 107 26.27 -10.98 12.85
C ALA A 107 27.45 -11.11 13.80
N ARG A 108 27.79 -9.99 14.40
CA ARG A 108 28.88 -9.88 15.35
C ARG A 108 28.70 -10.80 16.56
N ARG A 109 27.45 -11.15 16.88
CA ARG A 109 27.12 -12.02 18.02
C ARG A 109 26.78 -13.45 17.61
N TYR A 110 27.11 -13.79 16.37
CA TYR A 110 26.86 -15.13 15.86
C TYR A 110 28.02 -16.05 16.21
N ASN A 111 27.69 -17.26 16.62
CA ASN A 111 28.67 -18.30 16.87
C ASN A 111 28.51 -19.36 15.81
N HIS A 112 29.58 -19.68 15.07
CA HIS A 112 29.45 -20.64 13.98
C HIS A 112 29.46 -22.07 14.50
N GLU A 113 29.95 -22.29 15.70
CA GLU A 113 29.95 -23.63 16.25
C GLU A 113 28.56 -24.01 16.74
N THR A 114 27.88 -23.10 17.42
CA THR A 114 26.52 -23.40 17.90
C THR A 114 25.44 -23.01 16.91
N GLU A 115 25.82 -22.25 15.89
CA GLU A 115 24.87 -21.70 14.93
C GLU A 115 23.76 -20.95 15.67
N CYS A 116 24.17 -20.24 16.74
CA CYS A 116 23.29 -19.41 17.58
C CYS A 116 23.82 -18.00 17.69
N ILE A 117 22.90 -17.08 17.96
CA ILE A 117 23.21 -15.68 18.17
C ILE A 117 22.96 -15.38 19.63
N THR A 118 23.87 -14.64 20.24
CA THR A 118 23.74 -14.29 21.65
C THR A 118 23.42 -12.82 21.83
N PHE A 119 22.27 -12.53 22.44
CA PHE A 119 21.88 -11.16 22.76
C PHE A 119 22.15 -10.83 24.21
N LEU A 120 22.48 -9.57 24.45
CA LEU A 120 22.90 -9.10 25.77
C LEU A 120 24.00 -10.02 26.24
N LYS A 121 24.00 -10.42 27.50
CA LYS A 121 25.09 -11.26 27.96
C LYS A 121 24.89 -12.71 27.53
N ASP A 122 23.72 -13.26 27.82
CA ASP A 122 23.53 -14.71 27.69
C ASP A 122 22.12 -15.13 27.26
N PHE A 123 21.55 -14.38 26.33
CA PHE A 123 20.32 -14.79 25.68
C PHE A 123 20.67 -15.37 24.32
N THR A 124 20.90 -16.68 24.32
CA THR A 124 21.37 -17.40 23.15
C THR A 124 20.21 -18.04 22.39
N TYR A 125 20.11 -17.75 21.11
CA TYR A 125 18.98 -18.19 20.31
C TYR A 125 19.39 -18.78 18.96
N SER A 126 18.81 -19.94 18.64
CA SER A 126 18.99 -20.60 17.34
C SER A 126 17.94 -20.12 16.34
N LYS A 127 18.09 -20.57 15.09
CA LYS A 127 17.12 -20.29 14.04
C LYS A 127 15.69 -20.56 14.52
N ASP A 128 15.47 -21.72 15.12
CA ASP A 128 14.14 -22.10 15.53
C ASP A 128 13.60 -21.15 16.58
N ASP A 129 14.47 -20.73 17.49
CA ASP A 129 14.06 -19.75 18.51
C ASP A 129 13.54 -18.50 17.83
N PHE A 130 14.22 -18.07 16.78
CA PHE A 130 13.81 -16.89 16.03
C PHE A 130 12.41 -17.11 15.49
N HIS A 131 12.16 -18.31 14.98
CA HIS A 131 10.83 -18.63 14.45
C HIS A 131 9.75 -18.69 15.53
N ARG A 132 10.06 -19.30 16.67
CA ARG A 132 9.14 -19.33 17.79
C ARG A 132 8.82 -17.94 18.32
N ALA A 133 9.76 -17.01 18.15
CA ALA A 133 9.56 -15.62 18.53
C ALA A 133 8.63 -14.85 17.59
N GLY A 134 8.26 -15.46 16.47
CA GLY A 134 7.27 -14.88 15.56
C GLY A 134 7.83 -14.25 14.30
N LEU A 135 9.13 -14.40 14.06
CA LEU A 135 9.73 -13.96 12.81
C LEU A 135 9.56 -15.07 11.80
N GLN A 136 9.79 -14.75 10.54
CA GLN A 136 9.52 -15.69 9.46
C GLN A 136 10.80 -16.12 8.74
N VAL A 137 10.75 -17.30 8.15
CA VAL A 137 11.92 -17.96 7.57
C VAL A 137 12.56 -17.14 6.43
N GLU A 138 11.72 -16.45 5.67
CA GLU A 138 12.19 -15.56 4.61
C GLU A 138 13.05 -14.44 5.15
N PHE A 139 12.92 -14.13 6.43
CA PHE A 139 13.75 -13.14 7.09
C PHE A 139 14.89 -13.76 7.90
N ILE A 140 14.56 -14.83 8.62
CA ILE A 140 15.50 -15.53 9.47
C ILE A 140 16.69 -16.05 8.67
N ASN A 141 16.42 -16.73 7.56
CA ASN A 141 17.49 -17.33 6.79
C ASN A 141 18.52 -16.32 6.24
N PRO A 142 18.06 -15.19 5.70
CA PRO A 142 19.03 -14.16 5.27
C PRO A 142 19.88 -13.61 6.40
N ILE A 143 19.29 -13.44 7.58
CA ILE A 143 20.02 -12.97 8.75
C ILE A 143 21.19 -13.87 9.06
N PHE A 144 20.93 -15.17 9.04
CA PHE A 144 21.96 -16.17 9.37
C PHE A 144 22.96 -16.33 8.22
N GLU A 145 22.49 -16.21 6.98
CA GLU A 145 23.36 -16.26 5.81
C GLU A 145 24.35 -15.09 5.89
N PHE A 146 23.82 -13.94 6.29
CA PHE A 146 24.62 -12.72 6.37
C PHE A 146 25.63 -12.78 7.51
N SER A 147 25.26 -13.42 8.61
CA SER A 147 26.15 -13.61 9.74
C SER A 147 27.30 -14.54 9.36
N ARG A 148 26.98 -15.64 8.71
CA ARG A 148 27.98 -16.55 8.17
C ARG A 148 28.97 -15.80 7.30
N ALA A 149 28.44 -15.00 6.38
CA ALA A 149 29.26 -14.22 5.46
C ALA A 149 30.21 -13.28 6.19
N MET A 150 29.70 -12.66 7.24
CA MET A 150 30.47 -11.72 8.01
C MET A 150 31.58 -12.43 8.79
N ARG A 151 31.28 -13.62 9.27
CA ARG A 151 32.25 -14.37 10.06
C ARG A 151 33.46 -14.74 9.21
N ARG A 152 33.22 -15.14 7.97
CA ARG A 152 34.28 -15.42 7.01
C ARG A 152 35.21 -14.23 6.80
N LEU A 153 34.68 -13.03 6.91
CA LEU A 153 35.49 -11.82 6.75
C LEU A 153 36.51 -11.60 7.89
N GLY A 154 36.16 -12.05 9.10
CA GLY A 154 37.08 -12.00 10.23
C GLY A 154 37.38 -10.61 10.76
N LEU A 155 36.36 -9.78 10.87
CA LEU A 155 36.51 -8.39 11.32
C LEU A 155 36.79 -8.28 12.80
N ASP A 156 37.59 -7.27 13.19
CA ASP A 156 37.80 -6.96 14.60
C ASP A 156 36.90 -5.79 15.02
N ASP A 157 36.92 -5.48 16.31
CA ASP A 157 35.98 -4.52 16.86
C ASP A 157 36.10 -3.16 16.19
N ALA A 158 37.31 -2.79 15.79
CA ALA A 158 37.55 -1.50 15.16
C ALA A 158 36.94 -1.42 13.76
N GLU A 159 37.08 -2.50 13.00
CA GLU A 159 36.53 -2.55 11.66
C GLU A 159 35.00 -2.48 11.74
N TYR A 160 34.41 -3.22 12.67
CA TYR A 160 32.97 -3.18 12.86
C TYR A 160 32.48 -1.77 13.19
N ALA A 161 33.08 -1.16 14.20
CA ALA A 161 32.71 0.19 14.59
C ALA A 161 32.77 1.16 13.41
N LEU A 162 33.86 1.10 12.65
CA LEU A 162 34.06 1.99 11.51
C LEU A 162 32.96 1.82 10.47
N LEU A 163 32.61 0.58 10.23
CA LEU A 163 31.65 0.26 9.21
C LEU A 163 30.27 0.76 9.64
N ILE A 164 29.99 0.66 10.93
CA ILE A 164 28.77 1.18 11.50
C ILE A 164 28.70 2.70 11.28
N ALA A 165 29.78 3.39 11.55
CA ALA A 165 29.83 4.84 11.37
C ALA A 165 29.58 5.23 9.90
N ILE A 166 30.23 4.54 8.99
CA ILE A 166 30.08 4.80 7.57
C ILE A 166 28.63 4.62 7.12
N ASN A 167 28.02 3.55 7.59
CA ASN A 167 26.65 3.20 7.27
C ASN A 167 25.68 4.30 7.69
N ILE A 168 25.95 4.89 8.85
CA ILE A 168 25.15 5.99 9.36
C ILE A 168 25.22 7.17 8.41
N PHE A 169 26.44 7.52 8.01
CA PHE A 169 26.65 8.68 7.15
C PHE A 169 26.47 8.33 5.67
N SER A 170 25.33 7.75 5.34
CA SER A 170 24.95 7.51 3.97
C SER A 170 24.05 8.66 3.57
N ALA A 171 24.48 9.43 2.57
CA ALA A 171 23.75 10.65 2.17
C ALA A 171 22.46 10.39 1.40
N ASP A 172 22.33 9.21 0.83
CA ASP A 172 21.17 8.88 0.00
C ASP A 172 19.93 8.43 0.78
N ARG A 173 19.89 8.55 2.10
CA ARG A 173 18.70 8.11 2.82
C ARG A 173 17.55 9.06 2.54
N PRO A 174 16.32 8.57 2.71
CA PRO A 174 15.15 9.43 2.55
C PRO A 174 15.16 10.63 3.48
N ASN A 175 14.74 11.79 2.97
CA ASN A 175 14.48 13.00 3.76
C ASN A 175 15.73 13.63 4.34
N VAL A 176 16.88 13.35 3.74
CA VAL A 176 18.10 13.98 4.16
C VAL A 176 18.17 15.35 3.50
N GLN A 177 18.10 16.38 4.32
CA GLN A 177 18.08 17.76 3.85
C GLN A 177 19.45 18.31 3.48
N GLU A 178 20.52 17.82 4.12
CA GLU A 178 21.88 18.34 3.89
C GLU A 178 22.82 17.20 3.48
N PRO A 179 22.62 16.67 2.27
CA PRO A 179 23.33 15.46 1.87
C PRO A 179 24.83 15.67 1.64
N GLY A 180 25.22 16.86 1.19
CA GLY A 180 26.63 17.17 0.98
C GLY A 180 27.41 17.15 2.29
N ARG A 181 26.75 17.52 3.37
CA ARG A 181 27.37 17.48 4.70
C ARG A 181 27.58 16.06 5.19
N VAL A 182 26.68 15.15 4.84
CA VAL A 182 26.76 13.77 5.28
C VAL A 182 27.87 13.02 4.55
N GLU A 183 28.02 13.28 3.27
CA GLU A 183 29.12 12.67 2.50
C GLU A 183 30.48 13.14 2.98
N ALA A 184 30.57 14.38 3.43
CA ALA A 184 31.83 14.92 3.94
C ALA A 184 32.19 14.26 5.25
N LEU A 185 31.19 14.02 6.09
CA LEU A 185 31.39 13.24 7.31
C LEU A 185 31.80 11.81 7.03
N GLN A 186 31.17 11.20 6.04
CA GLN A 186 31.43 9.80 5.77
C GLN A 186 32.87 9.58 5.35
N GLN A 187 33.40 10.49 4.55
CA GLN A 187 34.69 10.32 3.89
C GLN A 187 35.89 10.00 4.82
N PRO A 188 36.08 10.78 5.90
CA PRO A 188 37.16 10.45 6.85
C PRO A 188 37.04 9.03 7.42
N TYR A 189 35.82 8.62 7.74
CA TYR A 189 35.59 7.28 8.25
C TYR A 189 35.91 6.23 7.21
N VAL A 190 35.69 6.55 5.94
CA VAL A 190 36.06 5.65 4.87
C VAL A 190 37.57 5.61 4.73
N GLU A 191 38.18 6.78 4.71
CA GLU A 191 39.65 6.88 4.64
C GLU A 191 40.31 6.13 5.79
N ALA A 192 39.77 6.28 6.99
CA ALA A 192 40.33 5.61 8.17
C ALA A 192 40.24 4.10 8.05
N LEU A 193 39.15 3.60 7.47
CA LEU A 193 38.98 2.17 7.33
C LEU A 193 39.94 1.60 6.31
N LEU A 194 40.13 2.31 5.20
CA LEU A 194 41.14 1.94 4.22
C LEU A 194 42.52 1.77 4.89
N SER A 195 42.94 2.80 5.62
CA SER A 195 44.22 2.78 6.31
C SER A 195 44.27 1.67 7.33
N TYR A 196 43.28 1.61 8.23
CA TYR A 196 43.25 0.58 9.26
C TYR A 196 43.39 -0.82 8.68
N THR A 197 42.59 -1.16 7.66
CA THR A 197 42.61 -2.53 7.14
C THR A 197 43.84 -2.87 6.35
N ARG A 198 44.46 -1.85 5.77
CA ARG A 198 45.62 -2.07 4.94
C ARG A 198 46.86 -2.27 5.82
N ILE A 199 46.81 -1.75 7.04
CA ILE A 199 47.84 -1.99 8.05
C ILE A 199 47.62 -3.33 8.76
N LYS A 200 46.38 -3.62 9.11
CA LYS A 200 46.03 -4.89 9.73
C LYS A 200 46.40 -6.09 8.85
N ARG A 201 46.10 -6.01 7.56
CA ARG A 201 46.32 -7.13 6.64
C ARG A 201 46.88 -6.68 5.30
N PRO A 202 48.16 -6.27 5.27
CA PRO A 202 48.75 -5.77 4.02
C PRO A 202 48.76 -6.80 2.87
N GLN A 203 48.89 -8.07 3.21
CA GLN A 203 48.91 -9.15 2.21
C GLN A 203 47.51 -9.52 1.64
N ASP A 204 46.45 -8.79 2.01
CA ASP A 204 45.10 -9.07 1.52
C ASP A 204 44.37 -7.79 1.13
N GLN A 205 44.55 -7.41 -0.13
CA GLN A 205 44.05 -6.15 -0.63
C GLN A 205 42.53 -6.13 -0.77
N LEU A 206 41.93 -7.30 -0.91
CA LEU A 206 40.49 -7.39 -1.12
C LEU A 206 39.66 -7.12 0.13
N ARG A 207 40.31 -7.04 1.30
CA ARG A 207 39.57 -6.93 2.55
C ARG A 207 38.63 -5.72 2.57
N PHE A 208 39.12 -4.57 2.09
CA PHE A 208 38.40 -3.30 2.11
C PHE A 208 37.21 -3.22 1.16
N PRO A 209 37.40 -3.55 -0.13
CA PRO A 209 36.22 -3.63 -1.00
C PRO A 209 35.19 -4.64 -0.50
N ARG A 210 35.65 -5.77 0.00
CA ARG A 210 34.76 -6.76 0.59
C ARG A 210 33.85 -6.15 1.63
N MET A 211 34.45 -5.36 2.50
CA MET A 211 33.70 -4.70 3.55
C MET A 211 32.71 -3.70 2.99
N LEU A 212 33.16 -2.80 2.14
CA LEU A 212 32.26 -1.83 1.55
C LEU A 212 31.06 -2.47 0.87
N MET A 213 31.28 -3.61 0.23
CA MET A 213 30.20 -4.30 -0.47
C MET A 213 29.14 -4.85 0.45
N LYS A 214 29.46 -5.00 1.73
CA LYS A 214 28.46 -5.39 2.71
C LYS A 214 27.41 -4.31 2.90
N LEU A 215 27.77 -3.05 2.65
CA LEU A 215 26.78 -2.00 2.67
C LEU A 215 25.70 -2.19 1.58
N VAL A 216 26.04 -2.92 0.51
CA VAL A 216 25.07 -3.23 -0.53
C VAL A 216 24.15 -4.34 -0.08
N SER A 217 24.72 -5.41 0.45
CA SER A 217 23.95 -6.48 1.09
C SER A 217 22.94 -5.92 2.06
N LEU A 218 23.35 -4.95 2.85
CA LEU A 218 22.48 -4.40 3.88
C LEU A 218 21.29 -3.65 3.30
N ARG A 219 21.44 -3.08 2.11
CA ARG A 219 20.28 -2.46 1.44
C ARG A 219 19.25 -3.52 1.08
N THR A 220 19.71 -4.68 0.61
CA THR A 220 18.79 -5.77 0.35
C THR A 220 18.14 -6.25 1.63
N LEU A 221 18.93 -6.47 2.67
CA LEU A 221 18.38 -6.98 3.92
C LEU A 221 17.39 -6.02 4.56
N SER A 222 17.64 -4.73 4.43
CA SER A 222 16.66 -3.73 4.86
C SER A 222 15.32 -3.97 4.15
N SER A 223 15.39 -4.30 2.87
CA SER A 223 14.20 -4.61 2.09
C SER A 223 13.55 -5.93 2.50
N VAL A 224 14.35 -6.94 2.77
CA VAL A 224 13.83 -8.21 3.24
C VAL A 224 13.10 -8.01 4.57
N HIS A 225 13.61 -7.08 5.36
CA HIS A 225 12.99 -6.74 6.62
C HIS A 225 11.64 -6.04 6.43
N SER A 226 11.50 -5.24 5.37
CA SER A 226 10.23 -4.62 5.05
C SER A 226 9.17 -5.67 4.78
N GLU A 227 9.54 -6.68 4.01
CA GLU A 227 8.66 -7.82 3.78
C GLU A 227 8.27 -8.52 5.07
N GLN A 228 9.15 -8.50 6.07
CA GLN A 228 8.84 -9.08 7.38
C GLN A 228 7.82 -8.24 8.14
N VAL A 229 7.97 -6.93 8.13
CA VAL A 229 7.02 -6.05 8.80
C VAL A 229 5.63 -6.22 8.22
N PHE A 230 5.57 -6.34 6.90
CA PHE A 230 4.32 -6.56 6.21
C PHE A 230 3.63 -7.82 6.77
N ALA A 231 4.40 -8.88 6.98
CA ALA A 231 3.83 -10.10 7.53
C ALA A 231 3.32 -9.95 8.96
N LEU A 232 4.00 -9.13 9.76
CA LEU A 232 3.57 -8.90 11.15
C LEU A 232 2.21 -8.21 11.20
N ARG A 233 2.02 -7.21 10.34
CA ARG A 233 0.75 -6.53 10.27
C ARG A 233 -0.33 -7.53 9.91
N LEU A 234 -0.03 -8.35 8.90
CA LEU A 234 -0.91 -9.39 8.42
C LEU A 234 -1.30 -10.37 9.52
N GLN A 235 -0.37 -10.66 10.43
CA GLN A 235 -0.62 -11.54 11.57
C GLN A 235 -1.16 -10.81 12.80
N ASP A 236 -1.36 -9.49 12.68
CA ASP A 236 -1.91 -8.66 13.77
C ASP A 236 -1.00 -8.60 14.98
N LYS A 237 0.29 -8.71 14.73
CA LYS A 237 1.26 -8.54 15.78
C LYS A 237 1.49 -7.03 15.84
N LYS A 238 1.16 -6.41 16.95
CA LYS A 238 1.35 -4.99 17.11
C LYS A 238 2.76 -4.72 17.66
N LEU A 239 3.42 -3.69 17.13
CA LEU A 239 4.73 -3.28 17.59
C LEU A 239 4.63 -2.11 18.55
N PRO A 240 5.60 -1.98 19.47
CA PRO A 240 5.63 -0.84 20.36
C PRO A 240 5.93 0.45 19.61
N PRO A 241 5.53 1.59 20.18
CA PRO A 241 5.64 2.88 19.51
C PRO A 241 6.99 3.09 18.83
N LEU A 242 8.07 2.98 19.58
CA LEU A 242 9.39 3.30 19.04
C LEU A 242 9.67 2.60 17.72
N LEU A 243 9.41 1.30 17.66
CA LEU A 243 9.70 0.53 16.45
C LEU A 243 8.71 0.86 15.33
N SER A 244 7.47 1.16 15.70
CA SER A 244 6.46 1.59 14.73
C SER A 244 6.84 2.93 14.12
N GLU A 245 7.35 3.82 14.95
CA GLU A 245 7.80 5.13 14.51
C GLU A 245 8.91 4.98 13.49
N ILE A 246 9.93 4.24 13.88
CA ILE A 246 11.16 4.13 13.12
C ILE A 246 10.96 3.37 11.80
N TRP A 247 10.03 2.42 11.78
CA TRP A 247 9.79 1.60 10.59
C TRP A 247 8.43 1.86 9.89
N ASP A 248 7.70 2.88 10.33
CA ASP A 248 6.43 3.28 9.72
C ASP A 248 5.44 2.12 9.68
N VAL A 249 5.02 1.62 10.82
CA VAL A 249 4.18 0.41 10.79
C VAL A 249 2.69 0.70 10.99
N HIS A 250 2.34 1.34 12.09
CA HIS A 250 0.93 1.47 12.48
C HIS A 250 0.47 2.93 12.42
N GLU A 251 -0.83 3.15 12.22
CA GLU A 251 -1.38 4.51 12.16
C GLU A 251 -1.21 5.24 13.49
N GLY A 252 -0.75 6.49 13.41
CA GLY A 252 -0.44 7.31 14.58
C GLY A 252 1.06 7.37 14.83
N SER A 253 1.60 6.27 15.35
CA SER A 253 3.04 6.16 15.64
C SER A 253 3.89 6.07 14.37
N GLY A 254 3.41 5.29 13.39
CA GLY A 254 4.08 5.14 12.10
C GLY A 254 4.29 6.45 11.36
N SER A 255 3.35 7.38 11.48
CA SER A 255 3.49 8.69 10.82
C SER A 255 4.56 9.57 11.48
N GLY A 256 4.94 9.25 12.70
CA GLY A 256 6.03 9.94 13.41
C GLY A 256 5.53 11.04 14.32
N SER A 257 4.27 10.93 14.72
CA SER A 257 3.59 11.97 15.52
C SER A 257 3.96 11.94 17.00
N HIS A 258 4.71 10.92 17.40
CA HIS A 258 5.10 10.75 18.79
C HIS A 258 6.47 11.37 19.08
N LYS A 259 7.37 11.40 18.08
CA LYS A 259 8.68 12.04 18.22
C LYS A 259 9.50 11.36 19.31
N ILE A 260 9.38 10.03 19.38
CA ILE A 260 10.08 9.24 20.41
C ILE A 260 11.58 9.28 20.18
N LEU A 261 11.98 9.19 18.92
CA LEU A 261 13.37 9.24 18.55
C LEU A 261 13.95 10.62 18.83
N HIS A 262 13.19 11.65 18.45
CA HIS A 262 13.52 13.03 18.77
C HIS A 262 13.90 13.16 20.24
N ARG A 263 13.05 12.60 21.09
CA ARG A 263 13.24 12.64 22.54
C ARG A 263 14.53 11.94 22.96
N LEU A 264 14.74 10.71 22.49
CA LEU A 264 15.98 9.95 22.78
C LEU A 264 17.24 10.71 22.38
N LEU A 265 17.15 11.47 21.29
CA LEU A 265 18.23 12.34 20.89
C LEU A 265 18.33 13.53 21.83
N GLN A 266 17.19 14.14 22.13
CA GLN A 266 17.11 15.29 23.05
C GLN A 266 17.94 15.10 24.33
N ASP A 267 17.86 13.91 24.95
CA ASP A 267 18.62 13.63 26.17
C ASP A 267 20.12 13.79 25.94
N GLU B 5 46.26 -9.55 -16.58
CA GLU B 5 45.29 -9.67 -15.45
C GLU B 5 44.30 -10.81 -15.68
N GLU B 6 43.62 -11.20 -14.61
CA GLU B 6 42.66 -12.30 -14.63
C GLU B 6 41.28 -11.82 -15.13
N MET B 7 41.03 -10.52 -14.97
CA MET B 7 39.83 -9.80 -15.37
C MET B 7 40.32 -8.52 -16.04
N PRO B 8 40.70 -8.61 -17.33
CA PRO B 8 41.32 -7.45 -18.00
C PRO B 8 40.33 -6.31 -18.16
N VAL B 9 40.76 -5.14 -17.70
CA VAL B 9 39.99 -3.94 -17.78
C VAL B 9 39.73 -3.55 -19.22
N ASP B 10 40.67 -3.89 -20.12
CA ASP B 10 40.47 -3.64 -21.54
C ASP B 10 39.22 -4.31 -22.08
N ARG B 11 39.10 -5.61 -21.83
CA ARG B 11 37.99 -6.39 -22.38
C ARG B 11 36.65 -5.88 -21.87
N ILE B 12 36.62 -5.41 -20.64
CA ILE B 12 35.43 -4.79 -20.06
C ILE B 12 35.09 -3.50 -20.80
N LEU B 13 36.09 -2.67 -21.05
CA LEU B 13 35.88 -1.44 -21.81
C LEU B 13 35.35 -1.73 -23.20
N GLU B 14 35.84 -2.80 -23.84
CA GLU B 14 35.36 -3.17 -25.16
C GLU B 14 33.89 -3.50 -25.13
N ALA B 15 33.45 -4.16 -24.06
CA ALA B 15 32.05 -4.54 -23.94
C ALA B 15 31.11 -3.34 -23.90
N GLU B 16 31.51 -2.27 -23.20
CA GLU B 16 30.66 -1.08 -23.13
C GLU B 16 30.62 -0.34 -24.46
N LEU B 17 31.76 -0.29 -25.14
CA LEU B 17 31.86 0.38 -26.42
C LEU B 17 31.14 -0.42 -27.50
N ALA B 18 31.30 -1.74 -27.45
CA ALA B 18 30.64 -2.64 -28.38
C ALA B 18 29.14 -2.45 -28.40
N VAL B 19 28.57 -1.92 -27.33
CA VAL B 19 27.14 -1.62 -27.32
C VAL B 19 26.88 -0.14 -27.57
N GLU B 20 27.64 0.44 -28.51
CA GLU B 20 27.44 1.81 -29.01
C GLU B 20 27.54 2.88 -27.91
N PRO B 43 4.77 8.36 -21.59
CA PRO B 43 5.92 8.66 -20.74
C PRO B 43 6.44 7.43 -20.01
N VAL B 44 5.59 6.79 -19.23
CA VAL B 44 5.94 5.54 -18.54
C VAL B 44 6.16 4.41 -19.54
N THR B 45 5.32 4.35 -20.57
CA THR B 45 5.41 3.28 -21.54
C THR B 45 6.69 3.41 -22.36
N ASN B 46 7.14 4.65 -22.59
CA ASN B 46 8.38 4.91 -23.30
C ASN B 46 9.58 4.32 -22.58
N ILE B 47 9.52 4.32 -21.25
CA ILE B 47 10.58 3.75 -20.44
C ILE B 47 10.58 2.24 -20.60
N CYS B 48 9.38 1.66 -20.58
CA CYS B 48 9.23 0.21 -20.73
C CYS B 48 9.59 -0.26 -22.14
N GLN B 49 9.23 0.53 -23.15
CA GLN B 49 9.73 0.30 -24.50
C GLN B 49 11.26 0.26 -24.53
N ALA B 50 11.88 1.31 -23.98
CA ALA B 50 13.34 1.40 -23.91
C ALA B 50 13.97 0.24 -23.17
N ALA B 51 13.36 -0.17 -22.07
CA ALA B 51 13.83 -1.30 -21.29
C ALA B 51 13.86 -2.58 -22.10
N ASP B 52 12.74 -2.92 -22.74
CA ASP B 52 12.62 -4.17 -23.48
C ASP B 52 13.71 -4.29 -24.53
N LYS B 53 13.99 -3.18 -25.21
CA LYS B 53 14.99 -3.18 -26.26
C LYS B 53 16.40 -3.37 -25.68
N GLN B 54 16.71 -2.68 -24.58
CA GLN B 54 18.04 -2.75 -23.99
C GLN B 54 18.34 -4.11 -23.39
N LEU B 55 17.30 -4.82 -22.96
CA LEU B 55 17.49 -6.16 -22.42
C LEU B 55 18.23 -7.03 -23.43
N PHE B 56 17.90 -6.90 -24.71
CA PHE B 56 18.59 -7.63 -25.77
C PHE B 56 20.09 -7.25 -25.82
N THR B 57 20.36 -5.95 -25.80
CA THR B 57 21.73 -5.45 -25.81
C THR B 57 22.52 -5.93 -24.60
N LEU B 58 21.85 -5.96 -23.45
CA LEU B 58 22.47 -6.38 -22.20
C LEU B 58 23.05 -7.79 -22.29
N VAL B 59 22.31 -8.71 -22.91
CA VAL B 59 22.79 -10.07 -23.04
C VAL B 59 24.10 -10.08 -23.83
N GLU B 60 24.17 -9.28 -24.90
CA GLU B 60 25.38 -9.19 -25.73
C GLU B 60 26.53 -8.59 -24.91
N TRP B 61 26.21 -7.61 -24.09
CA TRP B 61 27.21 -7.03 -23.19
C TRP B 61 27.73 -8.06 -22.21
N ALA B 62 26.82 -8.79 -21.58
CA ALA B 62 27.22 -9.77 -20.57
C ALA B 62 28.12 -10.84 -21.17
N LYS B 63 27.85 -11.21 -22.41
CA LYS B 63 28.68 -12.19 -23.12
C LYS B 63 30.11 -11.72 -23.34
N ARG B 64 30.28 -10.41 -23.54
CA ARG B 64 31.61 -9.83 -23.74
C ARG B 64 32.41 -9.63 -22.46
N ILE B 65 31.78 -9.83 -21.31
CA ILE B 65 32.47 -9.76 -20.03
C ILE B 65 33.25 -11.05 -19.84
N PRO B 66 34.53 -10.95 -19.49
CA PRO B 66 35.38 -12.11 -19.28
C PRO B 66 34.77 -13.15 -18.34
N HIS B 67 34.81 -14.41 -18.76
CA HIS B 67 34.43 -15.55 -17.93
C HIS B 67 32.93 -15.70 -17.72
N PHE B 68 32.13 -14.77 -18.21
CA PHE B 68 30.68 -14.87 -18.01
C PHE B 68 30.12 -16.05 -18.79
N SER B 69 30.46 -16.14 -20.06
CA SER B 69 30.00 -17.25 -20.89
C SER B 69 30.54 -18.61 -20.42
N SER B 70 31.69 -18.61 -19.71
CA SER B 70 32.28 -19.84 -19.18
C SER B 70 31.45 -20.44 -18.05
N LEU B 71 30.58 -19.64 -17.43
CA LEU B 71 29.75 -20.16 -16.35
C LEU B 71 28.68 -21.09 -16.89
N PRO B 72 28.14 -21.97 -16.01
CA PRO B 72 26.96 -22.76 -16.34
C PRO B 72 25.80 -21.90 -16.91
N LEU B 73 25.11 -22.45 -17.91
CA LEU B 73 24.01 -21.76 -18.57
C LEU B 73 22.92 -21.32 -17.58
N ASP B 74 22.51 -22.24 -16.70
CA ASP B 74 21.50 -21.93 -15.69
C ASP B 74 21.95 -20.79 -14.80
N ASP B 75 23.24 -20.74 -14.50
CA ASP B 75 23.80 -19.64 -13.70
C ASP B 75 23.86 -18.30 -14.45
N GLN B 76 24.22 -18.33 -15.73
CA GLN B 76 24.19 -17.12 -16.55
C GLN B 76 22.80 -16.52 -16.56
N VAL B 77 21.78 -17.38 -16.62
CA VAL B 77 20.40 -16.96 -16.56
C VAL B 77 20.10 -16.28 -15.23
N ILE B 78 20.47 -16.94 -14.13
CA ILE B 78 20.14 -16.45 -12.80
C ILE B 78 20.74 -15.06 -12.55
N LEU B 79 21.99 -14.87 -12.98
CA LEU B 79 22.67 -13.58 -12.77
C LEU B 79 21.98 -12.45 -13.53
N LEU B 80 21.56 -12.71 -14.76
CA LEU B 80 20.93 -11.68 -15.57
C LEU B 80 19.54 -11.35 -15.04
N ARG B 81 18.84 -12.36 -14.55
CA ARG B 81 17.53 -12.14 -13.93
C ARG B 81 17.66 -11.29 -12.65
N ALA B 82 18.69 -11.55 -11.85
CA ALA B 82 18.90 -10.80 -10.61
C ALA B 82 19.40 -9.37 -10.85
N GLY B 83 20.20 -9.17 -11.90
CA GLY B 83 20.92 -7.91 -12.09
C GLY B 83 20.41 -6.94 -13.14
N TRP B 84 19.59 -7.42 -14.07
CA TRP B 84 19.23 -6.61 -15.23
C TRP B 84 18.76 -5.22 -14.85
N ASN B 85 18.02 -5.12 -13.76
CA ASN B 85 17.51 -3.86 -13.31
C ASN B 85 18.62 -2.84 -13.01
N GLU B 86 19.49 -3.16 -12.05
CA GLU B 86 20.57 -2.24 -11.70
C GLU B 86 21.49 -1.99 -12.88
N LEU B 87 21.76 -3.04 -13.66
CA LEU B 87 22.59 -2.88 -14.86
C LEU B 87 22.07 -1.82 -15.83
N LEU B 88 20.78 -1.83 -16.12
CA LEU B 88 20.19 -0.85 -17.05
C LEU B 88 20.17 0.56 -16.50
N ILE B 89 19.86 0.69 -15.22
CA ILE B 89 19.83 1.98 -14.57
C ILE B 89 21.21 2.62 -14.62
N ALA B 90 22.25 1.80 -14.48
CA ALA B 90 23.60 2.33 -14.47
C ALA B 90 23.99 2.81 -15.86
N SER B 91 23.61 2.05 -16.89
CA SER B 91 24.02 2.43 -18.24
C SER B 91 23.30 3.70 -18.68
N PHE B 92 22.00 3.83 -18.40
CA PHE B 92 21.31 5.05 -18.82
C PHE B 92 21.65 6.24 -17.93
N SER B 93 22.04 6.02 -16.69
CA SER B 93 22.48 7.12 -15.85
C SER B 93 23.73 7.76 -16.45
N HIS B 94 24.72 6.93 -16.75
CA HIS B 94 25.98 7.39 -17.34
C HIS B 94 25.75 8.02 -18.71
N ARG B 95 24.84 7.46 -19.47
CA ARG B 95 24.45 8.01 -20.77
C ARG B 95 23.89 9.42 -20.66
N SER B 96 23.23 9.71 -19.55
CA SER B 96 22.58 11.01 -19.36
C SER B 96 23.48 12.09 -18.76
N ILE B 97 24.79 11.87 -18.68
CA ILE B 97 25.71 12.84 -18.06
C ILE B 97 25.63 14.24 -18.68
N ASP B 98 25.34 14.34 -19.97
CA ASP B 98 25.27 15.64 -20.66
C ASP B 98 23.91 16.31 -20.58
N VAL B 99 22.87 15.52 -20.36
CA VAL B 99 21.51 16.03 -20.26
C VAL B 99 21.37 16.92 -19.02
N ARG B 100 20.46 17.89 -19.09
CA ARG B 100 20.19 18.75 -17.96
C ARG B 100 18.79 18.49 -17.45
N ASP B 101 18.68 18.07 -16.19
CA ASP B 101 17.39 17.73 -15.57
C ASP B 101 16.60 16.72 -16.39
N GLY B 102 17.25 15.62 -16.71
CA GLY B 102 16.61 14.57 -17.50
C GLY B 102 17.53 13.42 -17.81
N ILE B 103 16.97 12.33 -18.33
CA ILE B 103 17.76 11.19 -18.75
C ILE B 103 17.53 10.89 -20.24
N LEU B 104 18.53 10.30 -20.86
CA LEU B 104 18.45 9.92 -22.26
C LEU B 104 18.27 8.40 -22.36
N LEU B 105 17.16 8.00 -22.97
CA LEU B 105 16.85 6.59 -23.13
C LEU B 105 17.54 6.04 -24.37
N ALA B 106 17.64 4.72 -24.43
CA ALA B 106 18.23 4.05 -25.59
C ALA B 106 17.33 4.19 -26.83
N THR B 107 16.02 4.20 -26.63
CA THR B 107 15.07 4.55 -27.71
C THR B 107 15.37 5.87 -28.40
N GLY B 108 16.29 6.66 -27.84
CA GLY B 108 16.63 7.98 -28.37
C GLY B 108 15.83 9.09 -27.72
N LEU B 109 14.75 8.73 -27.05
CA LEU B 109 13.86 9.68 -26.42
C LEU B 109 14.42 10.20 -25.10
N HIS B 110 14.04 11.43 -24.77
CA HIS B 110 14.41 12.07 -23.52
C HIS B 110 13.26 11.96 -22.56
N VAL B 111 13.56 12.05 -21.29
CA VAL B 111 12.55 12.25 -20.28
C VAL B 111 13.00 13.35 -19.33
N HIS B 112 12.07 14.22 -18.95
CA HIS B 112 12.39 15.39 -18.15
C HIS B 112 11.63 15.38 -16.85
N ARG B 113 12.19 16.08 -15.86
CA ARG B 113 11.64 16.13 -14.51
C ARG B 113 10.15 16.34 -14.51
N ASN B 114 9.74 17.42 -15.17
CA ASN B 114 8.34 17.84 -15.24
C ASN B 114 7.42 16.68 -15.64
N SER B 115 7.83 15.94 -16.66
CA SER B 115 7.07 14.75 -17.09
C SER B 115 6.99 13.72 -15.97
N ALA B 116 8.14 13.43 -15.36
CA ALA B 116 8.24 12.39 -14.34
C ALA B 116 7.32 12.64 -13.14
N HIS B 117 7.27 13.88 -12.67
CA HIS B 117 6.40 14.26 -11.57
C HIS B 117 4.92 14.21 -11.99
N SER B 118 4.65 14.47 -13.26
CA SER B 118 3.29 14.36 -13.79
C SER B 118 2.80 12.92 -13.77
N ALA B 119 3.72 11.98 -13.92
CA ALA B 119 3.38 10.56 -13.94
C ALA B 119 3.50 9.90 -12.55
N GLY B 120 3.71 10.68 -11.49
CA GLY B 120 3.82 10.15 -10.13
C GLY B 120 5.06 9.32 -9.89
N VAL B 121 6.13 9.65 -10.62
CA VAL B 121 7.39 8.92 -10.55
C VAL B 121 8.53 9.92 -10.31
N GLY B 122 8.17 11.09 -9.79
CA GLY B 122 9.12 12.18 -9.64
C GLY B 122 10.19 11.91 -8.62
N ALA B 123 9.80 11.37 -7.47
CA ALA B 123 10.72 11.16 -6.36
C ALA B 123 11.89 10.27 -6.76
N ILE B 124 11.58 9.12 -7.35
CA ILE B 124 12.61 8.17 -7.77
C ILE B 124 13.46 8.76 -8.89
N PHE B 125 12.84 9.59 -9.71
CA PHE B 125 13.55 10.25 -10.78
C PHE B 125 14.62 11.20 -10.19
N ASP B 126 14.25 12.00 -9.20
CA ASP B 126 15.20 12.93 -8.57
C ASP B 126 16.33 12.21 -7.85
N ARG B 127 16.05 11.03 -7.30
CA ARG B 127 17.08 10.23 -6.65
C ARG B 127 18.11 9.75 -7.65
N VAL B 128 17.65 9.38 -8.84
CA VAL B 128 18.56 8.95 -9.90
C VAL B 128 19.50 10.07 -10.33
N LEU B 129 18.97 11.28 -10.49
CA LEU B 129 19.77 12.42 -10.93
C LEU B 129 20.74 12.83 -9.85
N THR B 130 20.26 12.91 -8.62
CA THR B 130 21.09 13.34 -7.51
C THR B 130 22.20 12.34 -7.23
N GLU B 131 21.86 11.05 -7.16
CA GLU B 131 22.79 10.04 -6.67
C GLU B 131 23.61 9.33 -7.73
N LEU B 132 23.15 9.34 -8.97
CA LEU B 132 23.87 8.65 -10.05
C LEU B 132 24.37 9.63 -11.08
N VAL B 133 23.46 10.28 -11.80
CA VAL B 133 23.87 11.08 -12.93
C VAL B 133 24.81 12.19 -12.46
N SER B 134 24.38 12.94 -11.45
CA SER B 134 25.22 13.99 -10.86
C SER B 134 26.59 13.51 -10.45
N LYS B 135 26.61 12.42 -9.70
CA LYS B 135 27.87 11.93 -9.13
C LYS B 135 28.79 11.48 -10.25
N MET B 136 28.21 10.79 -11.22
CA MET B 136 28.96 10.35 -12.40
C MET B 136 29.56 11.52 -13.16
N ARG B 137 28.79 12.60 -13.28
CA ARG B 137 29.26 13.78 -14.00
C ARG B 137 30.41 14.46 -13.26
N ASP B 138 30.25 14.62 -11.95
CA ASP B 138 31.21 15.37 -11.15
C ASP B 138 32.52 14.62 -10.98
N MET B 139 32.43 13.29 -10.85
CA MET B 139 33.59 12.42 -10.89
C MET B 139 34.27 12.38 -12.23
N ARG B 140 33.51 12.76 -13.25
CA ARG B 140 33.85 12.46 -14.62
C ARG B 140 34.14 10.97 -14.69
N MET B 141 33.15 10.17 -14.30
CA MET B 141 33.29 8.72 -14.33
C MET B 141 33.47 8.30 -15.77
N ASP B 142 34.53 7.54 -16.03
CA ASP B 142 34.81 7.11 -17.40
C ASP B 142 34.14 5.78 -17.69
N LYS B 143 34.29 5.33 -18.93
CA LYS B 143 33.60 4.16 -19.42
C LYS B 143 34.12 2.87 -18.80
N THR B 144 35.43 2.79 -18.64
CA THR B 144 36.05 1.62 -18.02
C THR B 144 35.52 1.45 -16.60
N GLU B 145 35.45 2.55 -15.87
CA GLU B 145 34.97 2.57 -14.50
C GLU B 145 33.52 2.10 -14.43
N LEU B 146 32.71 2.57 -15.36
CA LEU B 146 31.32 2.15 -15.46
C LEU B 146 31.23 0.65 -15.66
N GLY B 147 31.97 0.14 -16.63
CA GLY B 147 31.90 -1.26 -17.01
C GLY B 147 32.29 -2.18 -15.87
N CYS B 148 33.32 -1.78 -15.13
CA CYS B 148 33.75 -2.55 -13.97
C CYS B 148 32.66 -2.58 -12.91
N LEU B 149 32.07 -1.42 -12.61
CA LEU B 149 30.94 -1.40 -11.69
C LEU B 149 29.82 -2.31 -12.18
N ARG B 150 29.56 -2.30 -13.48
CA ARG B 150 28.49 -3.12 -14.00
C ARG B 150 28.84 -4.59 -13.91
N ALA B 151 30.11 -4.92 -14.10
CA ALA B 151 30.58 -6.29 -13.96
C ALA B 151 30.46 -6.76 -12.50
N ILE B 152 30.74 -5.86 -11.55
CA ILE B 152 30.57 -6.16 -10.14
C ILE B 152 29.12 -6.47 -9.84
N ILE B 153 28.21 -5.68 -10.39
CA ILE B 153 26.79 -5.90 -10.17
C ILE B 153 26.39 -7.22 -10.77
N LEU B 154 26.81 -7.42 -12.03
CA LEU B 154 26.55 -8.65 -12.73
C LEU B 154 26.96 -9.88 -11.92
N PHE B 155 28.19 -9.93 -11.45
CA PHE B 155 28.67 -11.13 -10.74
C PHE B 155 28.24 -11.13 -9.29
N ASN B 156 26.95 -11.34 -9.06
CA ASN B 156 26.35 -11.26 -7.73
C ASN B 156 26.20 -12.63 -7.11
N PRO B 157 27.09 -13.00 -6.16
CA PRO B 157 27.05 -14.35 -5.61
C PRO B 157 25.91 -14.60 -4.63
N ASP B 158 25.20 -13.54 -4.24
CA ASP B 158 24.05 -13.66 -3.35
C ASP B 158 22.73 -13.91 -4.11
N ALA B 159 22.80 -14.03 -5.43
CA ALA B 159 21.62 -14.36 -6.23
C ALA B 159 21.21 -15.82 -5.97
N LYS B 160 19.93 -16.04 -5.68
CA LYS B 160 19.45 -17.36 -5.28
C LYS B 160 19.48 -18.40 -6.39
N GLY B 161 19.83 -19.64 -6.01
CA GLY B 161 19.75 -20.79 -6.90
C GLY B 161 20.98 -20.99 -7.76
N LEU B 162 22.06 -20.30 -7.45
CA LEU B 162 23.32 -20.53 -8.15
C LEU B 162 23.86 -21.92 -7.82
N SER B 163 24.42 -22.59 -8.82
CA SER B 163 25.05 -23.89 -8.61
C SER B 163 26.37 -23.74 -7.85
N ASN B 164 27.11 -22.66 -8.11
CA ASN B 164 28.33 -22.38 -7.33
C ASN B 164 28.57 -20.89 -7.07
N PRO B 165 28.06 -20.39 -5.93
CA PRO B 165 28.29 -19.00 -5.52
C PRO B 165 29.76 -18.63 -5.35
N SER B 166 30.59 -19.57 -4.92
CA SER B 166 32.02 -19.29 -4.74
C SER B 166 32.63 -18.82 -6.04
N GLU B 167 32.35 -19.55 -7.12
CA GLU B 167 32.89 -19.25 -8.43
C GLU B 167 32.59 -17.81 -8.80
N VAL B 168 31.34 -17.42 -8.58
CA VAL B 168 30.85 -16.09 -8.88
C VAL B 168 31.48 -15.03 -7.97
N GLU B 169 31.63 -15.36 -6.70
CA GLU B 169 32.25 -14.47 -5.75
C GLU B 169 33.68 -14.17 -6.20
N VAL B 170 34.39 -15.20 -6.66
CA VAL B 170 35.77 -15.05 -7.10
C VAL B 170 35.90 -14.09 -8.29
N LEU B 171 34.95 -14.18 -9.21
CA LEU B 171 34.99 -13.31 -10.39
C LEU B 171 34.73 -11.86 -10.04
N ARG B 172 33.81 -11.62 -9.11
CA ARG B 172 33.56 -10.29 -8.61
C ARG B 172 34.83 -9.72 -8.00
N GLU B 173 35.48 -10.53 -7.18
CA GLU B 173 36.69 -10.11 -6.50
C GLU B 173 37.79 -9.73 -7.47
N LYS B 174 37.89 -10.43 -8.59
CA LYS B 174 38.84 -10.04 -9.63
C LYS B 174 38.50 -8.66 -10.20
N VAL B 175 37.21 -8.36 -10.32
CA VAL B 175 36.83 -7.05 -10.79
C VAL B 175 37.28 -5.99 -9.79
N TYR B 176 37.09 -6.26 -8.49
CA TYR B 176 37.62 -5.35 -7.46
C TYR B 176 39.07 -5.00 -7.72
N ALA B 177 39.88 -6.03 -7.89
CA ALA B 177 41.32 -5.86 -8.06
C ALA B 177 41.66 -5.09 -9.33
N SER B 178 41.05 -5.49 -10.44
CA SER B 178 41.32 -4.84 -11.72
C SER B 178 40.91 -3.39 -11.68
N LEU B 179 39.74 -3.12 -11.12
CA LEU B 179 39.24 -1.76 -11.02
C LEU B 179 40.15 -0.87 -10.17
N GLU B 180 40.48 -1.34 -8.97
CA GLU B 180 41.38 -0.58 -8.09
C GLU B 180 42.71 -0.27 -8.79
N THR B 181 43.29 -1.30 -9.40
CA THR B 181 44.53 -1.13 -10.15
C THR B 181 44.36 -0.01 -11.18
N TYR B 182 43.31 -0.11 -11.98
CA TYR B 182 43.03 0.91 -12.97
C TYR B 182 42.98 2.29 -12.36
N CYS B 183 42.28 2.42 -11.24
CA CYS B 183 42.09 3.70 -10.56
C CYS B 183 43.37 4.33 -10.05
N LYS B 184 44.28 3.49 -9.54
CA LYS B 184 45.57 3.98 -9.05
C LYS B 184 46.50 4.38 -10.20
N GLN B 185 46.38 3.68 -11.32
CA GLN B 185 47.17 4.00 -12.50
C GLN B 185 46.68 5.26 -13.20
N LYS B 186 45.40 5.32 -13.55
CA LYS B 186 44.89 6.44 -14.34
C LYS B 186 44.58 7.68 -13.52
N TYR B 187 44.37 7.54 -12.22
CA TYR B 187 44.07 8.70 -11.38
C TYR B 187 44.88 8.65 -10.10
N PRO B 188 46.22 8.59 -10.21
CA PRO B 188 47.09 8.41 -9.04
C PRO B 188 46.87 9.50 -7.99
N GLU B 189 46.62 10.72 -8.46
CA GLU B 189 46.28 11.84 -7.61
C GLU B 189 45.01 11.62 -6.77
N GLN B 190 44.07 10.85 -7.28
CA GLN B 190 42.78 10.63 -6.63
C GLN B 190 42.78 9.41 -5.73
N GLN B 191 43.26 9.63 -4.51
CA GLN B 191 43.51 8.57 -3.55
C GLN B 191 42.26 7.77 -3.15
N GLY B 192 41.10 8.42 -3.14
CA GLY B 192 39.87 7.77 -2.72
C GLY B 192 38.90 7.47 -3.86
N ARG B 193 39.41 7.42 -5.10
CA ARG B 193 38.53 7.29 -6.26
C ARG B 193 37.85 5.94 -6.31
N PHE B 194 38.63 4.89 -6.03
CA PHE B 194 38.14 3.52 -6.02
C PHE B 194 36.97 3.37 -5.05
N ALA B 195 37.16 3.90 -3.84
CA ALA B 195 36.11 3.85 -2.82
C ALA B 195 34.88 4.64 -3.27
N LYS B 196 35.12 5.82 -3.82
CA LYS B 196 34.04 6.65 -4.35
C LYS B 196 33.17 5.90 -5.34
N LEU B 197 33.78 5.06 -6.16
CA LEU B 197 33.04 4.33 -7.17
C LEU B 197 32.18 3.27 -6.51
N LEU B 198 32.78 2.47 -5.64
CA LEU B 198 32.05 1.43 -4.94
C LEU B 198 30.91 1.96 -4.09
N LEU B 199 31.08 3.14 -3.50
CA LEU B 199 30.03 3.72 -2.66
C LEU B 199 28.81 4.23 -3.42
N ARG B 200 28.83 4.15 -4.75
CA ARG B 200 27.62 4.36 -5.53
C ARG B 200 26.69 3.13 -5.48
N LEU B 201 27.24 1.95 -5.24
CA LEU B 201 26.47 0.70 -5.33
C LEU B 201 25.35 0.55 -4.31
N PRO B 202 25.60 0.90 -3.05
CA PRO B 202 24.46 0.88 -2.13
C PRO B 202 23.33 1.81 -2.60
N ALA B 203 23.69 3.02 -3.03
CA ALA B 203 22.70 3.94 -3.55
C ALA B 203 21.96 3.29 -4.70
N LEU B 204 22.71 2.64 -5.57
CA LEU B 204 22.13 2.00 -6.75
C LEU B 204 21.21 0.84 -6.42
N ARG B 205 21.54 0.07 -5.40
CA ARG B 205 20.71 -1.06 -4.98
C ARG B 205 19.36 -0.57 -4.52
N SER B 206 19.35 0.46 -3.67
CA SER B 206 18.10 0.97 -3.11
C SER B 206 17.23 1.60 -4.19
N ILE B 207 17.88 2.33 -5.09
CA ILE B 207 17.21 2.90 -6.23
C ILE B 207 16.65 1.81 -7.13
N GLY B 208 17.40 0.74 -7.30
CA GLY B 208 16.95 -0.40 -8.08
C GLY B 208 15.68 -1.03 -7.51
N LEU B 209 15.60 -1.14 -6.19
CA LEU B 209 14.43 -1.73 -5.56
C LEU B 209 13.19 -0.87 -5.77
N LYS B 210 13.34 0.45 -5.65
CA LYS B 210 12.23 1.35 -5.90
C LYS B 210 11.77 1.35 -7.37
N CYS B 211 12.70 1.27 -8.31
CA CYS B 211 12.32 1.25 -9.73
C CYS B 211 11.58 -0.01 -10.10
N LEU B 212 12.05 -1.13 -9.58
CA LEU B 212 11.39 -2.41 -9.78
C LEU B 212 9.94 -2.34 -9.30
N GLU B 213 9.75 -1.83 -8.09
CA GLU B 213 8.45 -1.50 -7.55
C GLU B 213 7.50 -0.84 -8.59
N HIS B 214 7.95 0.25 -9.19
CA HIS B 214 7.18 0.94 -10.22
C HIS B 214 6.90 0.07 -11.45
N LEU B 215 7.89 -0.71 -11.88
CA LEU B 215 7.70 -1.61 -13.02
C LEU B 215 6.62 -2.63 -12.73
N PHE B 216 6.50 -3.05 -11.48
CA PHE B 216 5.41 -3.93 -11.10
C PHE B 216 4.05 -3.24 -11.12
N PHE B 217 4.02 -1.94 -10.84
CA PHE B 217 2.75 -1.18 -10.89
C PHE B 217 2.27 -1.06 -12.32
N PHE B 218 3.21 -0.81 -13.24
CA PHE B 218 2.88 -0.73 -14.65
C PHE B 218 2.33 -2.07 -15.13
N LYS B 219 2.92 -3.17 -14.66
CA LYS B 219 2.40 -4.51 -14.97
C LYS B 219 0.94 -4.66 -14.56
N LEU B 220 0.60 -4.14 -13.38
CA LEU B 220 -0.77 -4.23 -12.87
C LEU B 220 -1.75 -3.25 -13.52
N ILE B 221 -1.27 -2.36 -14.39
CA ILE B 221 -2.10 -1.29 -14.90
C ILE B 221 -1.75 -0.97 -16.36
N PRO B 225 -0.19 -2.64 -21.14
CA PRO B 225 0.45 -2.03 -22.31
C PRO B 225 1.93 -2.40 -22.51
N ILE B 226 2.36 -3.54 -21.95
CA ILE B 226 3.81 -3.89 -21.81
C ILE B 226 4.41 -4.71 -22.97
N ASP B 227 5.75 -4.73 -23.07
CA ASP B 227 6.47 -5.57 -24.04
C ASP B 227 6.95 -6.95 -23.51
N THR B 228 7.33 -7.80 -24.46
CA THR B 228 7.50 -9.23 -24.24
C THR B 228 8.65 -9.68 -23.32
N PHE B 229 9.87 -9.27 -23.62
CA PHE B 229 11.05 -9.73 -22.87
C PHE B 229 10.99 -9.18 -21.46
N LEU B 230 10.67 -7.90 -21.36
CA LEU B 230 10.50 -7.26 -20.07
C LEU B 230 9.50 -8.05 -19.22
N MET B 231 8.42 -8.50 -19.85
CA MET B 231 7.41 -9.29 -19.16
C MET B 231 8.00 -10.55 -18.59
N GLU B 232 8.82 -11.23 -19.39
CA GLU B 232 9.49 -12.44 -18.93
C GLU B 232 10.38 -12.18 -17.71
N MET B 233 11.06 -11.04 -17.70
CA MET B 233 11.89 -10.67 -16.55
C MET B 233 11.08 -10.40 -15.28
N LEU B 234 9.91 -9.79 -15.42
CA LEU B 234 9.02 -9.54 -14.26
C LEU B 234 8.28 -10.79 -13.74
N GLU B 235 8.33 -11.90 -14.49
CA GLU B 235 7.57 -13.10 -14.17
C GLU B 235 8.38 -14.03 -13.26
N ALA B 236 7.67 -14.68 -12.33
CA ALA B 236 8.32 -15.51 -11.30
C ALA B 236 8.51 -16.93 -11.80
N LYS B 244 12.57 -18.28 -21.15
CA LYS B 244 12.53 -18.91 -22.48
C LYS B 244 13.31 -18.04 -23.47
N ILE B 245 12.86 -16.80 -23.64
CA ILE B 245 13.54 -15.81 -24.50
C ILE B 245 15.00 -15.69 -24.11
N LEU B 246 15.24 -15.59 -22.81
CA LEU B 246 16.59 -15.42 -22.30
C LEU B 246 17.47 -16.64 -22.60
N HIS B 247 16.91 -17.84 -22.46
CA HIS B 247 17.65 -19.08 -22.69
C HIS B 247 18.21 -19.13 -24.11
N ARG B 248 17.33 -19.15 -25.10
CA ARG B 248 17.74 -19.16 -26.50
C ARG B 248 18.81 -18.10 -26.76
N LEU B 249 18.52 -16.88 -26.29
CA LEU B 249 19.29 -15.68 -26.64
C LEU B 249 20.77 -15.77 -26.27
N LEU B 250 21.13 -16.61 -25.31
CA LEU B 250 22.56 -16.84 -25.02
C LEU B 250 23.05 -18.28 -25.23
N GLN B 251 22.86 -18.80 -26.45
CA GLN B 251 23.32 -20.15 -26.82
C GLN B 251 24.04 -20.14 -28.16
N VAL C 8 -5.15 -18.02 -3.94
CA VAL C 8 -4.42 -18.72 -2.84
C VAL C 8 -3.25 -17.89 -2.30
N GLN C 9 -2.59 -17.11 -3.16
CA GLN C 9 -1.35 -16.40 -2.79
C GLN C 9 -1.34 -14.90 -3.16
N LEU C 10 -0.45 -14.17 -2.49
CA LEU C 10 -0.23 -12.75 -2.73
C LEU C 10 0.98 -12.56 -3.64
N THR C 11 0.77 -11.95 -4.79
CA THR C 11 1.84 -11.66 -5.71
C THR C 11 2.77 -10.62 -5.11
N ALA C 12 4.05 -10.69 -5.48
CA ALA C 12 5.00 -9.65 -5.12
C ALA C 12 4.47 -8.28 -5.54
N ALA C 13 4.08 -8.17 -6.80
CA ALA C 13 3.42 -6.95 -7.30
C ALA C 13 2.35 -6.49 -6.33
N GLN C 14 1.47 -7.42 -5.95
CA GLN C 14 0.37 -7.10 -5.04
C GLN C 14 0.87 -6.63 -3.68
N GLU C 15 1.86 -7.32 -3.14
CA GLU C 15 2.42 -6.94 -1.84
C GLU C 15 2.96 -5.53 -1.92
N LEU C 16 3.64 -5.21 -3.01
CA LEU C 16 4.30 -3.91 -3.14
C LEU C 16 3.30 -2.78 -3.31
N MET C 17 2.21 -3.07 -4.00
CA MET C 17 1.17 -2.08 -4.14
C MET C 17 0.52 -1.77 -2.79
N ILE C 18 0.18 -2.80 -2.04
CA ILE C 18 -0.41 -2.61 -0.74
C ILE C 18 0.53 -1.82 0.16
N GLN C 19 1.78 -2.25 0.17
CA GLN C 19 2.83 -1.55 0.92
C GLN C 19 2.85 -0.07 0.56
N GLN C 20 2.75 0.23 -0.73
CA GLN C 20 2.79 1.60 -1.20
C GLN C 20 1.62 2.42 -0.65
N LEU C 21 0.43 1.84 -0.65
CA LEU C 21 -0.75 2.54 -0.18
C LEU C 21 -0.64 2.85 1.31
N VAL C 22 -0.27 1.83 2.07
CA VAL C 22 -0.11 2.01 3.50
C VAL C 22 0.92 3.11 3.77
N ALA C 23 2.03 3.08 3.04
CA ALA C 23 3.07 4.07 3.22
C ALA C 23 2.54 5.46 2.90
N ALA C 24 1.76 5.57 1.83
CA ALA C 24 1.21 6.87 1.41
C ALA C 24 0.29 7.49 2.46
N GLN C 25 -0.50 6.65 3.15
CA GLN C 25 -1.37 7.14 4.20
C GLN C 25 -0.63 7.71 5.39
N LEU C 26 0.48 7.06 5.78
CA LEU C 26 1.26 7.53 6.91
C LEU C 26 1.94 8.86 6.62
N GLN C 27 2.46 8.96 5.40
CA GLN C 27 3.07 10.18 4.89
C GLN C 27 2.04 11.32 4.90
N CYS C 28 0.80 11.00 4.52
CA CYS C 28 -0.29 11.97 4.51
C CYS C 28 -0.72 12.38 5.92
N ASN C 29 -0.81 11.41 6.82
CA ASN C 29 -1.11 11.70 8.22
C ASN C 29 -0.11 12.67 8.82
N LYS C 30 1.17 12.42 8.60
CA LYS C 30 2.22 13.28 9.12
C LYS C 30 1.98 14.74 8.74
N ARG C 31 1.72 14.98 7.45
CA ARG C 31 1.47 16.32 6.97
C ARG C 31 0.28 16.99 7.65
N SER C 32 -0.78 16.21 7.86
CA SER C 32 -1.96 16.69 8.56
C SER C 32 -1.65 17.09 9.99
N PHE C 33 -0.86 16.29 10.71
CA PHE C 33 -0.47 16.64 12.08
C PHE C 33 0.33 17.95 12.14
N SER C 34 1.12 18.25 11.10
CA SER C 34 1.82 19.55 11.02
C SER C 34 0.85 20.73 11.13
N ASP C 35 -0.35 20.58 10.56
CA ASP C 35 -1.37 21.63 10.55
C ASP C 35 -2.19 21.77 11.83
N GLN C 36 -1.86 20.99 12.87
CA GLN C 36 -2.62 21.05 14.13
C GLN C 36 -2.61 22.44 14.77
N PRO C 37 -1.44 23.10 14.84
CA PRO C 37 -1.43 24.44 15.40
C PRO C 37 -2.23 25.47 14.60
N LYS C 38 -2.49 25.19 13.32
CA LYS C 38 -3.25 26.09 12.47
C LYS C 38 -4.76 26.13 12.79
N VAL C 39 -5.27 25.15 13.52
CA VAL C 39 -6.71 24.99 13.69
C VAL C 39 -7.22 25.93 14.79
N THR C 40 -8.39 26.52 14.57
CA THR C 40 -9.06 27.31 15.60
C THR C 40 -9.17 26.46 16.86
N PRO C 41 -8.66 26.97 18.00
CA PRO C 41 -8.75 26.13 19.19
C PRO C 41 -10.20 25.83 19.58
N TRP C 42 -10.40 24.65 20.16
CA TRP C 42 -11.71 24.22 20.61
C TRP C 42 -12.03 24.95 21.93
N PRO C 43 -13.16 25.69 22.00
CA PRO C 43 -13.42 26.53 23.17
C PRO C 43 -13.46 25.72 24.45
N LEU C 44 -12.88 26.24 25.52
CA LEU C 44 -12.71 25.46 26.76
C LEU C 44 -13.97 25.47 27.62
N GLY C 51 -22.60 30.43 22.64
CA GLY C 51 -22.88 31.59 21.78
C GLY C 51 -21.90 31.69 20.63
N SER C 52 -20.82 32.45 20.81
CA SER C 52 -19.69 32.40 19.88
C SER C 52 -18.76 31.20 20.17
N ALA C 53 -18.96 30.54 21.30
CA ALA C 53 -18.38 29.22 21.53
C ALA C 53 -18.89 28.25 20.46
N SER C 54 -20.19 28.33 20.16
CA SER C 54 -20.79 27.52 19.10
C SER C 54 -20.14 27.79 17.76
N GLN C 55 -19.93 29.05 17.44
CA GLN C 55 -19.35 29.42 16.16
C GLN C 55 -17.91 28.93 16.07
N GLN C 56 -17.20 28.98 17.20
CA GLN C 56 -15.83 28.44 17.29
C GLN C 56 -15.75 26.92 17.11
N ARG C 57 -16.65 26.20 17.76
CA ARG C 57 -16.70 24.74 17.62
C ARG C 57 -16.99 24.34 16.19
N PHE C 58 -17.93 25.02 15.56
CA PHE C 58 -18.27 24.78 14.17
C PHE C 58 -17.10 25.09 13.25
N ALA C 59 -16.40 26.17 13.54
CA ALA C 59 -15.24 26.57 12.75
C ALA C 59 -14.09 25.59 12.95
N HIS C 60 -13.96 25.10 14.18
CA HIS C 60 -12.96 24.10 14.48
C HIS C 60 -13.17 22.87 13.60
N PHE C 61 -14.38 22.30 13.65
CA PHE C 61 -14.73 21.12 12.86
C PHE C 61 -14.57 21.35 11.38
N THR C 62 -15.03 22.51 10.93
CA THR C 62 -14.93 22.87 9.54
C THR C 62 -13.48 22.88 9.06
N GLU C 63 -12.58 23.37 9.91
CA GLU C 63 -11.18 23.41 9.54
C GLU C 63 -10.60 22.00 9.45
N LEU C 64 -10.97 21.15 10.39
CA LEU C 64 -10.58 19.74 10.36
C LEU C 64 -11.03 19.06 9.05
N ALA C 65 -12.26 19.33 8.65
CA ALA C 65 -12.77 18.81 7.41
C ALA C 65 -11.91 19.26 6.23
N ILE C 66 -11.52 20.53 6.22
CA ILE C 66 -10.69 21.04 5.14
C ILE C 66 -9.39 20.26 5.06
N ILE C 67 -8.74 20.09 6.19
CA ILE C 67 -7.50 19.36 6.24
C ILE C 67 -7.74 17.96 5.70
N SER C 68 -8.84 17.37 6.12
CA SER C 68 -9.20 16.05 5.63
C SER C 68 -9.24 15.97 4.10
N VAL C 69 -9.77 17.01 3.46
CA VAL C 69 -9.86 17.03 2.01
C VAL C 69 -8.48 17.10 1.39
N GLN C 70 -7.65 18.00 1.91
CA GLN C 70 -6.25 18.04 1.51
C GLN C 70 -5.57 16.67 1.66
N GLU C 71 -5.82 16.02 2.79
CA GLU C 71 -5.21 14.72 3.05
C GLU C 71 -5.65 13.70 2.00
N ILE C 72 -6.94 13.73 1.67
CA ILE C 72 -7.49 12.80 0.69
C ILE C 72 -6.91 13.03 -0.69
N VAL C 73 -6.75 14.30 -1.06
CA VAL C 73 -6.14 14.63 -2.35
C VAL C 73 -4.69 14.17 -2.39
N ASP C 74 -3.93 14.48 -1.36
CA ASP C 74 -2.55 14.02 -1.28
C ASP C 74 -2.46 12.52 -1.46
N PHE C 75 -3.36 11.79 -0.81
CA PHE C 75 -3.33 10.35 -0.89
C PHE C 75 -3.62 9.89 -2.31
N ALA C 76 -4.70 10.42 -2.89
CA ALA C 76 -5.12 10.00 -4.22
C ALA C 76 -3.97 10.06 -5.21
N LYS C 77 -3.22 11.16 -5.16
CA LYS C 77 -2.10 11.38 -6.09
C LYS C 77 -1.03 10.28 -6.02
N GLN C 78 -0.90 9.65 -4.86
CA GLN C 78 0.06 8.56 -4.70
C GLN C 78 -0.50 7.18 -4.97
N VAL C 79 -1.80 7.09 -5.25
CA VAL C 79 -2.41 5.81 -5.60
C VAL C 79 -2.02 5.50 -7.05
N PRO C 80 -1.29 4.40 -7.28
CA PRO C 80 -0.83 4.12 -8.63
C PRO C 80 -2.00 4.05 -9.60
N GLY C 81 -1.95 4.88 -10.63
CA GLY C 81 -2.98 4.91 -11.67
C GLY C 81 -3.76 6.20 -11.68
N PHE C 82 -4.03 6.73 -10.49
CA PHE C 82 -4.87 7.91 -10.38
C PHE C 82 -4.42 9.08 -11.25
N LEU C 83 -3.11 9.29 -11.35
CA LEU C 83 -2.58 10.43 -12.11
C LEU C 83 -2.60 10.22 -13.61
N GLN C 84 -2.80 8.98 -14.03
CA GLN C 84 -2.94 8.68 -15.44
C GLN C 84 -4.33 9.06 -15.98
N LEU C 85 -5.28 9.38 -15.12
CA LEU C 85 -6.62 9.80 -15.56
C LEU C 85 -6.63 11.27 -15.91
N GLY C 86 -7.63 11.67 -16.70
CA GLY C 86 -7.86 13.08 -17.03
C GLY C 86 -8.20 13.85 -15.78
N ARG C 87 -7.92 15.15 -15.79
CA ARG C 87 -8.09 15.97 -14.59
C ARG C 87 -9.56 16.19 -14.26
N GLU C 88 -10.43 16.12 -15.25
CA GLU C 88 -11.86 16.25 -14.97
C GLU C 88 -12.40 15.02 -14.23
N ASP C 89 -11.87 13.84 -14.56
CA ASP C 89 -12.28 12.62 -13.86
C ASP C 89 -11.67 12.52 -12.45
N GLN C 90 -10.42 12.94 -12.30
CA GLN C 90 -9.80 13.01 -10.99
C GLN C 90 -10.69 13.82 -10.06
N ILE C 91 -11.15 14.97 -10.55
CA ILE C 91 -12.03 15.85 -9.79
C ILE C 91 -13.35 15.14 -9.47
N ALA C 92 -13.93 14.53 -10.48
CA ALA C 92 -15.24 13.88 -10.34
C ALA C 92 -15.17 12.74 -9.33
N LEU C 93 -14.08 11.98 -9.36
CA LEU C 93 -13.93 10.87 -8.43
C LEU C 93 -13.76 11.33 -6.98
N LEU C 94 -12.98 12.38 -6.78
CA LEU C 94 -12.79 12.95 -5.44
C LEU C 94 -14.03 13.65 -4.86
N LYS C 95 -14.74 14.42 -5.68
CA LYS C 95 -15.99 15.06 -5.25
C LYS C 95 -16.93 14.07 -4.58
N ALA C 96 -17.18 12.97 -5.27
CA ALA C 96 -18.11 11.96 -4.80
C ALA C 96 -17.62 11.14 -3.59
N SER C 97 -16.32 10.88 -3.54
CA SER C 97 -15.80 9.91 -2.59
C SER C 97 -15.28 10.56 -1.32
N THR C 98 -15.08 11.87 -1.35
CA THR C 98 -14.48 12.57 -0.22
C THR C 98 -15.23 12.28 1.06
N ILE C 99 -16.53 12.46 1.05
CA ILE C 99 -17.33 12.21 2.25
C ILE C 99 -17.22 10.74 2.69
N GLU C 100 -17.21 9.83 1.71
CA GLU C 100 -17.16 8.41 2.01
C GLU C 100 -15.84 8.04 2.67
N ILE C 101 -14.76 8.54 2.11
CA ILE C 101 -13.45 8.31 2.66
C ILE C 101 -13.34 9.00 4.01
N MET C 102 -13.84 10.23 4.11
CA MET C 102 -13.90 10.92 5.41
C MET C 102 -14.52 10.03 6.46
N LEU C 103 -15.60 9.34 6.10
CA LEU C 103 -16.28 8.46 7.03
C LEU C 103 -15.47 7.22 7.36
N LEU C 104 -14.79 6.65 6.39
CA LEU C 104 -13.89 5.55 6.65
C LEU C 104 -12.79 5.98 7.59
N GLU C 105 -12.13 7.09 7.28
CA GLU C 105 -11.08 7.59 8.14
C GLU C 105 -11.62 7.92 9.53
N THR C 106 -12.87 8.34 9.59
CA THR C 106 -13.50 8.63 10.87
C THR C 106 -13.65 7.35 11.69
N ALA C 107 -14.26 6.32 11.12
CA ALA C 107 -14.45 5.04 11.80
C ALA C 107 -13.14 4.49 12.33
N ARG C 108 -12.12 4.64 11.52
CA ARG C 108 -10.77 4.19 11.83
C ARG C 108 -10.21 4.85 13.10
N ARG C 109 -10.71 6.05 13.44
CA ARG C 109 -10.25 6.78 14.60
C ARG C 109 -11.21 6.69 15.76
N TYR C 110 -12.14 5.75 15.68
CA TYR C 110 -13.11 5.57 16.72
C TYR C 110 -12.54 4.62 17.76
N ASN C 111 -12.77 4.96 19.02
CA ASN C 111 -12.35 4.14 20.13
C ASN C 111 -13.60 3.60 20.79
N HIS C 112 -13.71 2.29 20.92
CA HIS C 112 -14.94 1.69 21.43
C HIS C 112 -14.99 1.79 22.94
N GLU C 113 -13.83 1.97 23.56
CA GLU C 113 -13.81 2.09 25.01
C GLU C 113 -14.25 3.47 25.45
N THR C 114 -13.80 4.52 24.78
CA THR C 114 -14.23 5.87 25.13
C THR C 114 -15.47 6.34 24.38
N GLU C 115 -15.86 5.59 23.35
CA GLU C 115 -16.93 5.99 22.43
C GLU C 115 -16.69 7.39 21.91
N CYS C 116 -15.41 7.67 21.62
CA CYS C 116 -14.94 8.94 21.07
C CYS C 116 -14.14 8.72 19.81
N ILE C 117 -14.09 9.75 18.99
CA ILE C 117 -13.31 9.77 17.77
C ILE C 117 -12.19 10.76 17.96
N THR C 118 -10.99 10.38 17.54
CA THR C 118 -9.82 11.23 17.71
C THR C 118 -9.37 11.76 16.38
N PHE C 119 -9.37 13.08 16.25
CA PHE C 119 -8.86 13.74 15.05
C PHE C 119 -7.45 14.28 15.25
N LEU C 120 -6.67 14.27 14.16
CA LEU C 120 -5.25 14.62 14.21
C LEU C 120 -4.59 13.80 15.31
N LYS C 121 -3.71 14.38 16.11
CA LYS C 121 -3.05 13.61 17.16
C LYS C 121 -4.00 13.39 18.34
N ASP C 122 -4.59 14.46 18.87
CA ASP C 122 -5.27 14.36 20.16
C ASP C 122 -6.48 15.29 20.32
N PHE C 123 -7.27 15.41 19.25
CA PHE C 123 -8.55 16.10 19.33
C PHE C 123 -9.63 15.06 19.43
N THR C 124 -9.95 14.71 20.66
CA THR C 124 -10.85 13.61 20.97
C THR C 124 -12.26 14.16 21.23
N TYR C 125 -13.26 13.63 20.50
CA TYR C 125 -14.61 14.13 20.55
C TYR C 125 -15.66 13.02 20.69
N SER C 126 -16.60 13.21 21.62
CA SER C 126 -17.75 12.31 21.80
C SER C 126 -18.92 12.75 20.93
N LYS C 127 -19.98 11.95 20.93
CA LYS C 127 -21.24 12.29 20.25
C LYS C 127 -21.69 13.71 20.55
N ASP C 128 -21.71 14.04 21.84
CA ASP C 128 -22.20 15.35 22.24
C ASP C 128 -21.31 16.44 21.68
N ASP C 129 -20.00 16.23 21.65
CA ASP C 129 -19.10 17.20 21.06
C ASP C 129 -19.48 17.46 19.62
N PHE C 130 -19.83 16.40 18.91
CA PHE C 130 -20.25 16.55 17.52
C PHE C 130 -21.47 17.44 17.43
N HIS C 131 -22.40 17.25 18.36
CA HIS C 131 -23.60 18.06 18.40
C HIS C 131 -23.34 19.51 18.74
N ARG C 132 -22.45 19.73 19.71
CA ARG C 132 -22.05 21.07 20.09
C ARG C 132 -21.34 21.78 18.94
N ALA C 133 -20.68 21.01 18.07
CA ALA C 133 -20.04 21.56 16.87
C ALA C 133 -21.01 21.97 15.76
N GLY C 134 -22.30 21.65 15.94
CA GLY C 134 -23.35 22.14 15.05
C GLY C 134 -23.88 21.11 14.06
N LEU C 135 -23.45 19.86 14.21
CA LEU C 135 -23.99 18.77 13.39
C LEU C 135 -25.25 18.29 14.07
N GLN C 136 -26.05 17.51 13.36
CA GLN C 136 -27.35 17.08 13.87
C GLN C 136 -27.39 15.57 14.11
N VAL C 137 -28.26 15.15 15.03
CA VAL C 137 -28.30 13.75 15.50
C VAL C 137 -28.58 12.77 14.37
N GLU C 138 -29.38 13.20 13.41
CA GLU C 138 -29.69 12.37 12.26
C GLU C 138 -28.45 12.02 11.45
N PHE C 139 -27.40 12.83 11.60
CA PHE C 139 -26.12 12.58 10.94
C PHE C 139 -25.11 11.94 11.87
N ILE C 140 -25.08 12.44 13.09
CA ILE C 140 -24.16 11.98 14.11
C ILE C 140 -24.36 10.50 14.40
N ASN C 141 -25.59 10.10 14.63
CA ASN C 141 -25.87 8.72 15.01
C ASN C 141 -25.46 7.67 13.97
N PRO C 142 -25.71 7.94 12.67
CA PRO C 142 -25.22 7.03 11.65
C PRO C 142 -23.70 6.95 11.59
N ILE C 143 -23.02 8.07 11.78
CA ILE C 143 -21.56 8.09 11.80
C ILE C 143 -21.01 7.14 12.85
N PHE C 144 -21.59 7.21 14.05
CA PHE C 144 -21.13 6.38 15.16
C PHE C 144 -21.59 4.94 15.01
N GLU C 145 -22.77 4.72 14.46
CA GLU C 145 -23.25 3.37 14.19
C GLU C 145 -22.31 2.72 13.19
N PHE C 146 -21.90 3.48 12.19
CA PHE C 146 -21.02 2.99 11.13
C PHE C 146 -19.63 2.69 11.67
N SER C 147 -19.17 3.49 12.62
CA SER C 147 -17.87 3.28 13.25
C SER C 147 -17.87 2.00 14.09
N ARG C 148 -18.93 1.83 14.89
CA ARG C 148 -19.15 0.60 15.64
C ARG C 148 -19.11 -0.61 14.71
N ALA C 149 -19.83 -0.52 13.60
CA ALA C 149 -19.90 -1.59 12.62
C ALA C 149 -18.53 -1.94 12.07
N MET C 150 -17.74 -0.90 11.79
CA MET C 150 -16.41 -1.08 11.24
C MET C 150 -15.47 -1.69 12.27
N ARG C 151 -15.66 -1.35 13.54
CA ARG C 151 -14.80 -1.90 14.60
C ARG C 151 -14.98 -3.41 14.72
N ARG C 152 -16.22 -3.86 14.64
CA ARG C 152 -16.52 -5.28 14.66
C ARG C 152 -15.82 -6.05 13.54
N LEU C 153 -15.60 -5.38 12.41
CA LEU C 153 -14.89 -6.02 11.29
C LEU C 153 -13.40 -6.28 11.55
N GLY C 154 -12.78 -5.43 12.37
CA GLY C 154 -11.40 -5.64 12.79
C GLY C 154 -10.37 -5.47 11.70
N LEU C 155 -10.52 -4.43 10.89
CA LEU C 155 -9.62 -4.19 9.76
C LEU C 155 -8.26 -3.67 10.18
N ASP C 156 -7.22 -4.05 9.43
CA ASP C 156 -5.89 -3.50 9.64
C ASP C 156 -5.63 -2.38 8.64
N ASP C 157 -4.50 -1.71 8.80
CA ASP C 157 -4.21 -0.53 8.00
C ASP C 157 -4.23 -0.82 6.50
N ALA C 158 -3.81 -2.02 6.12
CA ALA C 158 -3.75 -2.41 4.70
C ALA C 158 -5.14 -2.57 4.10
N GLU C 159 -6.03 -3.20 4.84
CA GLU C 159 -7.39 -3.40 4.40
C GLU C 159 -8.08 -2.05 4.25
N TYR C 160 -7.87 -1.15 5.20
CA TYR C 160 -8.42 0.19 5.10
C TYR C 160 -7.93 0.91 3.85
N ALA C 161 -6.61 0.96 3.67
CA ALA C 161 -6.05 1.64 2.53
C ALA C 161 -6.64 1.11 1.22
N LEU C 162 -6.72 -0.21 1.11
CA LEU C 162 -7.23 -0.85 -0.10
C LEU C 162 -8.67 -0.44 -0.39
N LEU C 163 -9.45 -0.39 0.67
CA LEU C 163 -10.86 -0.12 0.54
C LEU C 163 -11.04 1.33 0.10
N ILE C 164 -10.19 2.20 0.61
CA ILE C 164 -10.18 3.59 0.21
C ILE C 164 -9.89 3.71 -1.29
N ALA C 165 -8.88 2.99 -1.76
CA ALA C 165 -8.53 3.02 -3.19
C ALA C 165 -9.67 2.55 -4.07
N ILE C 166 -10.30 1.45 -3.67
CA ILE C 166 -11.42 0.88 -4.40
C ILE C 166 -12.56 1.88 -4.52
N ASN C 167 -12.84 2.53 -3.39
CA ASN C 167 -13.91 3.50 -3.28
C ASN C 167 -13.71 4.68 -4.24
N ILE C 168 -12.46 5.11 -4.37
CA ILE C 168 -12.10 6.17 -5.30
C ILE C 168 -12.40 5.76 -6.73
N PHE C 169 -11.96 4.57 -7.11
CA PHE C 169 -12.16 4.07 -8.47
C PHE C 169 -13.53 3.44 -8.67
N SER C 170 -14.57 4.20 -8.34
CA SER C 170 -15.94 3.80 -8.62
C SER C 170 -16.31 4.50 -9.92
N ALA C 171 -16.63 3.72 -10.95
CA ALA C 171 -16.90 4.27 -12.27
C ALA C 171 -18.26 4.96 -12.39
N ASP C 172 -19.19 4.67 -11.49
CA ASP C 172 -20.55 5.20 -11.55
C ASP C 172 -20.72 6.59 -10.97
N ARG C 173 -19.65 7.31 -10.64
CA ARG C 173 -19.84 8.65 -10.08
C ARG C 173 -20.33 9.60 -11.16
N PRO C 174 -20.99 10.69 -10.75
CA PRO C 174 -21.43 11.71 -11.71
C PRO C 174 -20.28 12.29 -12.50
N ASN C 175 -20.50 12.51 -13.80
CA ASN C 175 -19.59 13.27 -14.67
C ASN C 175 -18.26 12.56 -14.96
N VAL C 176 -18.27 11.25 -14.83
CA VAL C 176 -17.08 10.47 -15.15
C VAL C 176 -17.12 10.24 -16.66
N GLN C 177 -16.14 10.81 -17.35
CA GLN C 177 -16.05 10.77 -18.81
C GLN C 177 -15.46 9.47 -19.35
N GLU C 178 -14.58 8.83 -18.59
CA GLU C 178 -13.91 7.60 -19.04
C GLU C 178 -14.15 6.46 -18.03
N PRO C 179 -15.38 5.96 -17.96
CA PRO C 179 -15.75 5.02 -16.91
C PRO C 179 -15.08 3.65 -17.06
N GLY C 180 -14.83 3.23 -18.30
CA GLY C 180 -14.17 1.94 -18.55
C GLY C 180 -12.74 1.92 -18.01
N ARG C 181 -12.09 3.08 -18.03
CA ARG C 181 -10.75 3.20 -17.48
C ARG C 181 -10.75 3.10 -15.96
N VAL C 182 -11.79 3.60 -15.32
CA VAL C 182 -11.88 3.60 -13.86
C VAL C 182 -12.12 2.20 -13.33
N GLU C 183 -12.98 1.44 -14.00
CA GLU C 183 -13.24 0.05 -13.60
C GLU C 183 -12.01 -0.81 -13.77
N ALA C 184 -11.17 -0.51 -14.76
CA ALA C 184 -9.96 -1.29 -14.99
C ALA C 184 -8.96 -1.03 -13.89
N LEU C 185 -8.88 0.22 -13.45
CA LEU C 185 -8.08 0.59 -12.29
C LEU C 185 -8.58 -0.07 -11.00
N GLN C 186 -9.90 -0.10 -10.82
CA GLN C 186 -10.47 -0.61 -9.59
C GLN C 186 -10.14 -2.09 -9.41
N GLN C 187 -10.18 -2.83 -10.50
CA GLN C 187 -10.14 -4.30 -10.46
C GLN C 187 -8.92 -4.90 -9.75
N PRO C 188 -7.69 -4.46 -10.09
CA PRO C 188 -6.52 -4.94 -9.35
C PRO C 188 -6.61 -4.70 -7.85
N TYR C 189 -7.13 -3.52 -7.46
CA TYR C 189 -7.29 -3.20 -6.04
C TYR C 189 -8.31 -4.10 -5.37
N VAL C 190 -9.33 -4.53 -6.12
CA VAL C 190 -10.29 -5.49 -5.62
C VAL C 190 -9.64 -6.87 -5.52
N GLU C 191 -8.95 -7.29 -6.57
CA GLU C 191 -8.24 -8.56 -6.56
C GLU C 191 -7.23 -8.64 -5.41
N ALA C 192 -6.50 -7.56 -5.18
CA ALA C 192 -5.51 -7.53 -4.12
C ALA C 192 -6.15 -7.65 -2.73
N LEU C 193 -7.32 -7.05 -2.56
CA LEU C 193 -8.01 -7.14 -1.28
C LEU C 193 -8.53 -8.55 -1.02
N LEU C 194 -9.08 -9.19 -2.05
CA LEU C 194 -9.48 -10.59 -1.96
C LEU C 194 -8.30 -11.48 -1.47
N SER C 195 -7.17 -11.36 -2.15
CA SER C 195 -5.99 -12.11 -1.78
C SER C 195 -5.52 -11.76 -0.37
N TYR C 196 -5.34 -10.47 -0.09
CA TYR C 196 -4.86 -10.05 1.23
C TYR C 196 -5.70 -10.62 2.36
N THR C 197 -7.01 -10.47 2.23
CA THR C 197 -7.93 -10.82 3.29
C THR C 197 -8.09 -12.33 3.46
N ARG C 198 -7.85 -13.07 2.37
CA ARG C 198 -7.98 -14.52 2.41
C ARG C 198 -6.74 -15.18 3.00
N ILE C 199 -5.61 -14.48 2.92
CA ILE C 199 -4.39 -14.90 3.59
C ILE C 199 -4.41 -14.50 5.06
N LYS C 200 -4.87 -13.28 5.34
CA LYS C 200 -4.96 -12.79 6.73
C LYS C 200 -5.86 -13.66 7.57
N ARG C 201 -7.02 -14.03 7.03
CA ARG C 201 -8.01 -14.79 7.80
C ARG C 201 -8.64 -15.88 6.97
N PRO C 202 -7.90 -16.96 6.69
CA PRO C 202 -8.46 -18.03 5.85
C PRO C 202 -9.73 -18.69 6.43
N GLN C 203 -9.80 -18.80 7.75
CA GLN C 203 -10.92 -19.43 8.42
C GLN C 203 -12.19 -18.56 8.46
N ASP C 204 -12.17 -17.39 7.82
CA ASP C 204 -13.33 -16.51 7.78
C ASP C 204 -13.54 -15.97 6.37
N GLN C 205 -14.30 -16.72 5.60
CA GLN C 205 -14.50 -16.42 4.20
C GLN C 205 -15.40 -15.20 3.99
N LEU C 206 -16.22 -14.89 4.98
CA LEU C 206 -17.15 -13.78 4.86
C LEU C 206 -16.49 -12.40 4.99
N ARG C 207 -15.21 -12.35 5.36
CA ARG C 207 -14.55 -11.07 5.64
C ARG C 207 -14.59 -10.11 4.45
N PHE C 208 -14.33 -10.66 3.26
CA PHE C 208 -14.26 -9.88 2.02
C PHE C 208 -15.59 -9.34 1.53
N PRO C 209 -16.64 -10.19 1.40
CA PRO C 209 -17.95 -9.62 1.10
C PRO C 209 -18.42 -8.62 2.13
N ARG C 210 -18.19 -8.90 3.41
CA ARG C 210 -18.52 -7.94 4.47
C ARG C 210 -17.91 -6.58 4.20
N MET C 211 -16.64 -6.55 3.80
CA MET C 211 -15.98 -5.30 3.46
C MET C 211 -16.61 -4.64 2.25
N LEU C 212 -16.75 -5.36 1.16
CA LEU C 212 -17.34 -4.76 -0.04
C LEU C 212 -18.71 -4.16 0.25
N MET C 213 -19.50 -4.79 1.11
CA MET C 213 -20.82 -4.28 1.44
C MET C 213 -20.81 -2.97 2.18
N LYS C 214 -19.68 -2.61 2.78
CA LYS C 214 -19.54 -1.30 3.38
C LYS C 214 -19.56 -0.19 2.34
N LEU C 215 -19.16 -0.50 1.12
CA LEU C 215 -19.28 0.48 0.05
C LEU C 215 -20.74 0.84 -0.23
N VAL C 216 -21.66 -0.07 0.11
CA VAL C 216 -23.07 0.20 -0.06
C VAL C 216 -23.56 1.12 1.06
N SER C 217 -23.21 0.77 2.29
CA SER C 217 -23.45 1.65 3.44
C SER C 217 -22.99 3.07 3.17
N LEU C 218 -21.82 3.21 2.55
CA LEU C 218 -21.27 4.54 2.31
C LEU C 218 -22.09 5.35 1.31
N ARG C 219 -22.77 4.68 0.38
CA ARG C 219 -23.66 5.39 -0.50
C ARG C 219 -24.83 5.99 0.27
N THR C 220 -25.37 5.23 1.23
CA THR C 220 -26.42 5.75 2.08
C THR C 220 -25.91 6.90 2.93
N LEU C 221 -24.76 6.74 3.54
CA LEU C 221 -24.22 7.78 4.38
C LEU C 221 -23.92 9.06 3.62
N SER C 222 -23.45 8.93 2.38
CA SER C 222 -23.27 10.09 1.53
C SER C 222 -24.58 10.85 1.40
N SER C 223 -25.68 10.11 1.28
CA SER C 223 -27.02 10.70 1.21
C SER C 223 -27.47 11.32 2.53
N VAL C 224 -27.18 10.64 3.65
CA VAL C 224 -27.50 11.18 4.97
C VAL C 224 -26.77 12.49 5.18
N HIS C 225 -25.57 12.59 4.61
CA HIS C 225 -24.78 13.79 4.71
C HIS C 225 -25.41 14.93 3.91
N SER C 226 -26.04 14.63 2.78
CA SER C 226 -26.75 15.65 2.01
C SER C 226 -27.86 16.26 2.84
N GLU C 227 -28.61 15.41 3.52
CA GLU C 227 -29.63 15.86 4.46
C GLU C 227 -29.04 16.73 5.56
N GLN C 228 -27.78 16.49 5.95
CA GLN C 228 -27.09 17.36 6.91
C GLN C 228 -26.78 18.74 6.33
N VAL C 229 -26.29 18.78 5.09
CA VAL C 229 -26.00 20.07 4.42
C VAL C 229 -27.27 20.91 4.30
N PHE C 230 -28.38 20.25 4.00
CA PHE C 230 -29.69 20.89 3.94
C PHE C 230 -30.01 21.60 5.26
N ALA C 231 -29.76 20.92 6.37
CA ALA C 231 -30.00 21.52 7.67
C ALA C 231 -29.11 22.75 7.94
N LEU C 232 -27.87 22.71 7.46
CA LEU C 232 -26.96 23.83 7.66
C LEU C 232 -27.44 25.09 6.96
N ARG C 233 -27.93 24.92 5.73
CA ARG C 233 -28.50 26.05 4.97
C ARG C 233 -29.69 26.64 5.75
N LEU C 234 -30.56 25.75 6.22
CA LEU C 234 -31.73 26.07 7.04
C LEU C 234 -31.35 26.86 8.31
N GLN C 235 -30.20 26.54 8.90
CA GLN C 235 -29.70 27.25 10.07
C GLN C 235 -28.81 28.46 9.74
N ASP C 236 -28.62 28.73 8.44
CA ASP C 236 -27.82 29.87 7.98
C ASP C 236 -26.34 29.75 8.35
N LYS C 237 -25.85 28.51 8.43
CA LYS C 237 -24.43 28.24 8.65
C LYS C 237 -23.76 28.17 7.28
N LYS C 238 -22.74 29.00 7.04
CA LYS C 238 -22.02 28.97 5.78
C LYS C 238 -20.70 28.20 5.86
N LEU C 239 -20.37 27.53 4.76
CA LEU C 239 -19.20 26.68 4.63
C LEU C 239 -18.08 27.38 3.86
N PRO C 240 -16.83 26.99 4.11
CA PRO C 240 -15.72 27.58 3.37
C PRO C 240 -15.72 27.11 1.94
N PRO C 241 -15.08 27.88 1.04
CA PRO C 241 -15.12 27.61 -0.40
C PRO C 241 -14.89 26.15 -0.72
N LEU C 242 -13.76 25.60 -0.27
CA LEU C 242 -13.40 24.23 -0.65
C LEU C 242 -14.54 23.23 -0.44
N LEU C 243 -15.16 23.27 0.73
CA LEU C 243 -16.23 22.33 1.05
C LEU C 243 -17.49 22.65 0.25
N SER C 244 -17.74 23.93 0.01
CA SER C 244 -18.86 24.37 -0.82
C SER C 244 -18.70 23.89 -2.26
N GLU C 245 -17.47 23.98 -2.76
CA GLU C 245 -17.15 23.52 -4.10
C GLU C 245 -17.43 22.05 -4.23
N ILE C 246 -16.86 21.28 -3.32
CA ILE C 246 -16.88 19.83 -3.38
C ILE C 246 -18.29 19.25 -3.15
N TRP C 247 -19.10 19.92 -2.34
CA TRP C 247 -20.44 19.43 -2.00
C TRP C 247 -21.58 20.25 -2.60
N ASP C 248 -21.25 21.24 -3.45
CA ASP C 248 -22.25 22.07 -4.13
C ASP C 248 -23.16 22.88 -3.20
N VAL C 249 -22.60 23.87 -2.49
CA VAL C 249 -23.35 24.91 -1.75
C VAL C 249 -23.08 26.33 -2.31
N LYS C 259 -12.19 24.37 -9.40
CA LYS C 259 -11.25 25.48 -9.24
C LYS C 259 -10.25 25.27 -8.11
N ILE C 260 -10.74 25.27 -6.86
CA ILE C 260 -9.86 25.06 -5.70
C ILE C 260 -9.28 23.65 -5.69
N LEU C 261 -10.11 22.66 -6.02
CA LEU C 261 -9.69 21.27 -6.11
C LEU C 261 -8.71 21.08 -7.24
N HIS C 262 -9.05 21.66 -8.40
CA HIS C 262 -8.18 21.69 -9.57
C HIS C 262 -6.76 22.10 -9.14
N ARG C 263 -6.69 23.19 -8.39
CA ARG C 263 -5.43 23.73 -7.90
C ARG C 263 -4.67 22.75 -7.00
N LEU C 264 -5.36 22.18 -6.00
CA LEU C 264 -4.76 21.19 -5.09
C LEU C 264 -4.18 20.01 -5.85
N LEU C 265 -4.84 19.63 -6.94
CA LEU C 265 -4.33 18.60 -7.81
C LEU C 265 -3.13 19.10 -8.60
N GLN C 266 -3.26 20.30 -9.15
CA GLN C 266 -2.18 20.94 -9.92
C GLN C 266 -0.81 20.81 -9.24
N ASP C 267 -0.73 21.05 -7.93
CA ASP C 267 0.53 20.94 -7.20
C ASP C 267 1.15 19.54 -7.35
N GLU D 5 -26.62 -26.58 1.64
CA GLU D 5 -26.51 -25.39 2.54
C GLU D 5 -27.88 -25.06 3.15
N GLU D 6 -27.88 -24.09 4.06
CA GLU D 6 -29.09 -23.53 4.66
C GLU D 6 -29.68 -22.38 3.83
N MET D 7 -28.92 -21.91 2.84
CA MET D 7 -29.44 -20.93 1.90
C MET D 7 -29.24 -21.51 0.50
N PRO D 8 -30.07 -22.50 0.15
CA PRO D 8 -29.85 -23.20 -1.11
C PRO D 8 -30.09 -22.28 -2.30
N VAL D 9 -29.12 -22.24 -3.20
CA VAL D 9 -29.24 -21.44 -4.41
C VAL D 9 -30.38 -21.93 -5.30
N ASP D 10 -30.68 -23.24 -5.25
CA ASP D 10 -31.78 -23.79 -6.04
C ASP D 10 -33.11 -23.12 -5.65
N ARG D 11 -33.40 -23.04 -4.35
CA ARG D 11 -34.67 -22.46 -3.88
C ARG D 11 -34.81 -20.98 -4.27
N ILE D 12 -33.69 -20.27 -4.27
CA ILE D 12 -33.65 -18.87 -4.72
C ILE D 12 -33.97 -18.77 -6.20
N LEU D 13 -33.38 -19.65 -7.00
CA LEU D 13 -33.67 -19.70 -8.42
C LEU D 13 -35.15 -19.97 -8.66
N GLU D 14 -35.75 -20.85 -7.86
CA GLU D 14 -37.16 -21.18 -8.01
C GLU D 14 -38.02 -19.94 -7.79
N ALA D 15 -37.63 -19.11 -6.83
CA ALA D 15 -38.38 -17.92 -6.52
C ALA D 15 -38.41 -16.92 -7.68
N GLU D 16 -37.29 -16.77 -8.40
CA GLU D 16 -37.27 -15.86 -9.56
C GLU D 16 -38.11 -16.42 -10.70
N LEU D 17 -38.03 -17.72 -10.93
CA LEU D 17 -38.78 -18.36 -12.01
C LEU D 17 -40.26 -18.41 -11.69
N ALA D 18 -40.58 -18.69 -10.42
CA ALA D 18 -41.96 -18.71 -9.96
C ALA D 18 -42.69 -17.41 -10.23
N VAL D 19 -41.95 -16.32 -10.39
CA VAL D 19 -42.55 -15.05 -10.79
C VAL D 19 -42.33 -14.74 -12.29
N GLU D 20 -42.45 -15.77 -13.13
CA GLU D 20 -42.26 -15.65 -14.59
C GLU D 20 -40.89 -15.05 -14.93
N PRO D 43 -46.22 8.28 -19.52
CA PRO D 43 -44.83 7.79 -19.48
C PRO D 43 -44.36 7.52 -18.05
N VAL D 44 -44.39 8.55 -17.22
CA VAL D 44 -44.08 8.40 -15.80
C VAL D 44 -45.13 7.55 -15.09
N THR D 45 -46.40 7.75 -15.45
CA THR D 45 -47.49 7.03 -14.82
C THR D 45 -47.44 5.54 -15.16
N ASN D 46 -46.96 5.23 -16.37
CA ASN D 46 -46.77 3.83 -16.79
C ASN D 46 -45.78 3.08 -15.92
N ILE D 47 -44.77 3.80 -15.44
CA ILE D 47 -43.79 3.22 -14.54
C ILE D 47 -44.43 2.94 -13.19
N CYS D 48 -45.24 3.88 -12.71
CA CYS D 48 -45.94 3.74 -11.44
C CYS D 48 -47.02 2.67 -11.48
N GLN D 49 -47.72 2.58 -12.60
CA GLN D 49 -48.62 1.46 -12.84
C GLN D 49 -47.86 0.13 -12.73
N ALA D 50 -46.75 0.01 -13.45
CA ALA D 50 -45.91 -1.19 -13.42
C ALA D 50 -45.39 -1.52 -12.02
N ALA D 51 -44.99 -0.49 -11.30
CA ALA D 51 -44.52 -0.66 -9.93
C ALA D 51 -45.59 -1.26 -9.03
N ASP D 52 -46.78 -0.67 -9.03
CA ASP D 52 -47.84 -1.12 -8.13
C ASP D 52 -48.15 -2.59 -8.33
N LYS D 53 -48.16 -3.03 -9.59
CA LYS D 53 -48.46 -4.43 -9.90
C LYS D 53 -47.35 -5.34 -9.40
N GLN D 54 -46.09 -4.96 -9.64
CA GLN D 54 -44.97 -5.79 -9.26
C GLN D 54 -44.81 -5.93 -7.75
N LEU D 55 -45.24 -4.91 -7.02
CA LEU D 55 -45.18 -4.99 -5.57
C LEU D 55 -45.88 -6.24 -5.06
N PHE D 56 -47.01 -6.58 -5.67
CA PHE D 56 -47.75 -7.80 -5.31
C PHE D 56 -46.90 -9.04 -5.57
N THR D 57 -46.29 -9.10 -6.75
CA THR D 57 -45.44 -10.21 -7.12
C THR D 57 -44.24 -10.34 -6.17
N LEU D 58 -43.68 -9.20 -5.78
CA LEU D 58 -42.53 -9.15 -4.90
C LEU D 58 -42.79 -9.88 -3.58
N VAL D 59 -43.98 -9.71 -3.01
CA VAL D 59 -44.29 -10.36 -1.74
C VAL D 59 -44.25 -11.87 -1.91
N GLU D 60 -44.79 -12.37 -3.02
CA GLU D 60 -44.77 -13.80 -3.31
C GLU D 60 -43.34 -14.28 -3.50
N TRP D 61 -42.51 -13.47 -4.16
CA TRP D 61 -41.09 -13.78 -4.30
C TRP D 61 -40.41 -13.87 -2.94
N ALA D 62 -40.63 -12.86 -2.09
CA ALA D 62 -39.96 -12.82 -0.81
C ALA D 62 -40.32 -14.02 0.05
N LYS D 63 -41.57 -14.48 -0.07
CA LYS D 63 -42.03 -15.66 0.67
C LYS D 63 -41.28 -16.91 0.24
N ARG D 64 -40.90 -16.98 -1.03
CA ARG D 64 -40.20 -18.15 -1.57
C ARG D 64 -38.72 -18.16 -1.24
N ILE D 65 -38.21 -17.05 -0.70
CA ILE D 65 -36.83 -16.99 -0.26
C ILE D 65 -36.71 -17.73 1.06
N PRO D 66 -35.73 -18.64 1.17
CA PRO D 66 -35.54 -19.41 2.37
C PRO D 66 -35.45 -18.56 3.63
N HIS D 67 -36.18 -18.97 4.66
CA HIS D 67 -36.14 -18.39 6.00
C HIS D 67 -36.79 -17.01 6.12
N PHE D 68 -37.27 -16.44 5.01
CA PHE D 68 -37.88 -15.13 5.08
C PHE D 68 -39.19 -15.21 5.85
N SER D 69 -40.05 -16.16 5.51
CA SER D 69 -41.33 -16.34 6.20
C SER D 69 -41.16 -16.73 7.67
N SER D 70 -40.03 -17.35 8.01
CA SER D 70 -39.80 -17.76 9.40
C SER D 70 -39.44 -16.55 10.29
N LEU D 71 -39.11 -15.40 9.70
CA LEU D 71 -38.86 -14.19 10.49
C LEU D 71 -40.16 -13.64 11.08
N PRO D 72 -40.04 -12.83 12.15
CA PRO D 72 -41.18 -12.11 12.71
C PRO D 72 -41.94 -11.33 11.65
N LEU D 73 -43.26 -11.31 11.75
CA LEU D 73 -44.11 -10.63 10.78
C LEU D 73 -43.76 -9.14 10.67
N ASP D 74 -43.59 -8.47 11.81
CA ASP D 74 -43.21 -7.06 11.82
C ASP D 74 -41.89 -6.86 11.08
N ASP D 75 -40.98 -7.80 11.23
CA ASP D 75 -39.67 -7.72 10.55
C ASP D 75 -39.75 -7.98 9.04
N GLN D 76 -40.57 -8.93 8.64
CA GLN D 76 -40.83 -9.15 7.21
C GLN D 76 -41.36 -7.88 6.55
N VAL D 77 -42.22 -7.18 7.27
CA VAL D 77 -42.77 -5.91 6.80
C VAL D 77 -41.66 -4.90 6.62
N ILE D 78 -40.82 -4.76 7.64
CA ILE D 78 -39.76 -3.74 7.64
C ILE D 78 -38.76 -3.93 6.49
N LEU D 79 -38.37 -5.18 6.24
CA LEU D 79 -37.45 -5.48 5.16
C LEU D 79 -38.02 -5.15 3.78
N LEU D 80 -39.29 -5.45 3.55
CA LEU D 80 -39.91 -5.18 2.26
C LEU D 80 -40.11 -3.71 2.04
N ARG D 81 -40.43 -2.99 3.10
CA ARG D 81 -40.56 -1.54 3.01
C ARG D 81 -39.18 -0.90 2.72
N ALA D 82 -38.11 -1.40 3.31
CA ALA D 82 -36.76 -0.86 3.07
C ALA D 82 -36.21 -1.20 1.70
N GLY D 83 -36.53 -2.38 1.19
CA GLY D 83 -35.88 -2.91 0.02
C GLY D 83 -36.64 -2.88 -1.30
N TRP D 84 -37.97 -2.73 -1.25
CA TRP D 84 -38.79 -2.89 -2.46
C TRP D 84 -38.26 -2.11 -3.66
N ASN D 85 -37.75 -0.91 -3.40
CA ASN D 85 -37.22 -0.09 -4.46
C ASN D 85 -36.07 -0.72 -5.21
N GLU D 86 -34.98 -1.01 -4.51
CA GLU D 86 -33.83 -1.64 -5.16
C GLU D 86 -34.21 -2.99 -5.76
N LEU D 87 -35.03 -3.76 -5.05
CA LEU D 87 -35.48 -5.07 -5.55
C LEU D 87 -36.14 -4.97 -6.92
N LEU D 88 -37.05 -4.02 -7.10
CA LEU D 88 -37.75 -3.87 -8.39
C LEU D 88 -36.85 -3.39 -9.51
N ILE D 89 -35.97 -2.47 -9.19
CA ILE D 89 -35.03 -1.95 -10.17
C ILE D 89 -34.13 -3.05 -10.68
N ALA D 90 -33.76 -3.97 -9.80
CA ALA D 90 -32.89 -5.05 -10.20
C ALA D 90 -33.63 -6.01 -11.11
N SER D 91 -34.89 -6.31 -10.81
CA SER D 91 -35.60 -7.29 -11.60
C SER D 91 -35.89 -6.75 -13.00
N PHE D 92 -36.30 -5.48 -13.11
CA PHE D 92 -36.57 -4.93 -14.44
C PHE D 92 -35.30 -4.63 -15.21
N SER D 93 -34.20 -4.36 -14.52
CA SER D 93 -32.92 -4.17 -15.23
C SER D 93 -32.53 -5.46 -15.94
N HIS D 94 -32.54 -6.56 -15.20
CA HIS D 94 -32.20 -7.89 -15.74
C HIS D 94 -33.16 -8.31 -16.84
N ARG D 95 -34.43 -7.98 -16.67
CA ARG D 95 -35.46 -8.25 -17.66
C ARG D 95 -35.17 -7.55 -18.99
N SER D 96 -34.56 -6.37 -18.92
CA SER D 96 -34.31 -5.56 -20.10
C SER D 96 -33.01 -5.87 -20.83
N ILE D 97 -32.34 -6.98 -20.49
CA ILE D 97 -31.05 -7.31 -21.10
C ILE D 97 -31.10 -7.38 -22.63
N ASP D 98 -32.22 -7.78 -23.21
CA ASP D 98 -32.35 -7.91 -24.67
C ASP D 98 -32.74 -6.61 -25.37
N VAL D 99 -33.38 -5.70 -24.63
CA VAL D 99 -33.83 -4.42 -25.18
C VAL D 99 -32.62 -3.56 -25.58
N ARG D 100 -32.82 -2.70 -26.56
CA ARG D 100 -31.77 -1.78 -27.00
C ARG D 100 -32.22 -0.35 -26.69
N ASP D 101 -31.45 0.35 -25.86
CA ASP D 101 -31.77 1.72 -25.43
C ASP D 101 -33.17 1.84 -24.84
N GLY D 102 -33.46 0.98 -23.86
CA GLY D 102 -34.75 0.97 -23.21
C GLY D 102 -34.89 -0.12 -22.16
N ILE D 103 -35.97 -0.05 -21.37
CA ILE D 103 -36.27 -1.09 -20.39
C ILE D 103 -37.64 -1.68 -20.63
N LEU D 104 -37.81 -2.93 -20.24
CA LEU D 104 -39.08 -3.62 -20.38
C LEU D 104 -39.76 -3.71 -19.03
N LEU D 105 -40.94 -3.13 -18.94
CA LEU D 105 -41.71 -3.13 -17.71
C LEU D 105 -42.51 -4.41 -17.60
N ALA D 106 -42.96 -4.72 -16.39
CA ALA D 106 -43.81 -5.89 -16.15
C ALA D 106 -45.19 -5.72 -16.78
N THR D 107 -45.68 -4.48 -16.78
CA THR D 107 -46.89 -4.09 -17.49
C THR D 107 -46.86 -4.49 -18.99
N GLY D 108 -45.70 -4.95 -19.48
CA GLY D 108 -45.53 -5.35 -20.87
C GLY D 108 -45.03 -4.21 -21.74
N LEU D 109 -45.18 -2.98 -21.23
CA LEU D 109 -44.80 -1.79 -21.97
C LEU D 109 -43.30 -1.56 -21.95
N HIS D 110 -42.81 -0.94 -23.03
CA HIS D 110 -41.41 -0.66 -23.24
C HIS D 110 -41.20 0.87 -23.14
N VAL D 111 -40.14 1.29 -22.48
CA VAL D 111 -39.82 2.71 -22.30
C VAL D 111 -38.47 2.96 -22.96
N HIS D 112 -38.39 4.05 -23.71
CA HIS D 112 -37.23 4.32 -24.54
C HIS D 112 -36.59 5.65 -24.12
N ARG D 113 -35.29 5.77 -24.35
CA ARG D 113 -34.50 6.94 -23.95
C ARG D 113 -35.23 8.25 -24.24
N ASN D 114 -35.59 8.40 -25.52
CA ASN D 114 -36.25 9.59 -26.02
C ASN D 114 -37.40 10.02 -25.11
N SER D 115 -38.25 9.06 -24.76
CA SER D 115 -39.39 9.31 -23.88
C SER D 115 -38.91 9.81 -22.52
N ALA D 116 -37.92 9.10 -21.95
CA ALA D 116 -37.41 9.42 -20.61
C ALA D 116 -36.87 10.85 -20.49
N HIS D 117 -36.12 11.30 -21.49
CA HIS D 117 -35.59 12.66 -21.52
C HIS D 117 -36.69 13.69 -21.72
N SER D 118 -37.75 13.31 -22.44
CA SER D 118 -38.91 14.18 -22.61
C SER D 118 -39.61 14.44 -21.28
N ALA D 119 -39.57 13.45 -20.39
CA ALA D 119 -40.22 13.57 -19.09
C ALA D 119 -39.31 14.11 -17.96
N GLY D 120 -38.10 14.57 -18.32
CA GLY D 120 -37.14 15.06 -17.33
C GLY D 120 -36.61 14.00 -16.37
N VAL D 121 -36.53 12.77 -16.86
CA VAL D 121 -36.06 11.63 -16.08
C VAL D 121 -34.94 10.91 -16.85
N GLY D 122 -34.32 11.63 -17.79
CA GLY D 122 -33.36 11.05 -18.70
C GLY D 122 -32.07 10.64 -18.02
N ALA D 123 -31.56 11.48 -17.13
CA ALA D 123 -30.27 11.22 -16.48
C ALA D 123 -30.28 9.90 -15.71
N ILE D 124 -31.28 9.71 -14.86
CA ILE D 124 -31.39 8.49 -14.06
C ILE D 124 -31.61 7.28 -14.96
N PHE D 125 -32.31 7.50 -16.07
CA PHE D 125 -32.55 6.44 -17.03
C PHE D 125 -31.24 5.96 -17.67
N ASP D 126 -30.39 6.89 -18.08
CA ASP D 126 -29.08 6.52 -18.64
C ASP D 126 -28.16 5.83 -17.62
N ARG D 127 -28.28 6.19 -16.34
CA ARG D 127 -27.50 5.53 -15.29
C ARG D 127 -27.90 4.07 -15.13
N VAL D 128 -29.20 3.81 -15.23
CA VAL D 128 -29.70 2.44 -15.13
C VAL D 128 -29.17 1.57 -16.25
N LEU D 129 -29.16 2.10 -17.46
CA LEU D 129 -28.69 1.35 -18.62
C LEU D 129 -27.20 1.10 -18.57
N THR D 130 -26.46 2.15 -18.26
CA THR D 130 -25.02 2.07 -18.20
C THR D 130 -24.55 1.12 -17.10
N GLU D 131 -25.11 1.29 -15.89
CA GLU D 131 -24.59 0.63 -14.69
C GLU D 131 -25.24 -0.70 -14.35
N LEU D 132 -26.45 -0.94 -14.82
CA LEU D 132 -27.13 -2.18 -14.52
C LEU D 132 -27.35 -3.01 -15.77
N VAL D 133 -28.16 -2.51 -16.69
CA VAL D 133 -28.57 -3.35 -17.81
C VAL D 133 -27.36 -3.77 -18.61
N SER D 134 -26.56 -2.80 -19.00
CA SER D 134 -25.37 -3.06 -19.74
C SER D 134 -24.41 -4.03 -19.03
N LYS D 135 -24.17 -3.82 -17.74
CA LYS D 135 -23.24 -4.68 -16.98
C LYS D 135 -23.78 -6.09 -16.89
N MET D 136 -25.08 -6.20 -16.62
CA MET D 136 -25.75 -7.48 -16.53
C MET D 136 -25.65 -8.24 -17.86
N ARG D 137 -25.78 -7.50 -18.98
CA ARG D 137 -25.70 -8.12 -20.30
C ARG D 137 -24.30 -8.63 -20.60
N ASP D 138 -23.31 -7.80 -20.30
CA ASP D 138 -21.93 -8.11 -20.65
C ASP D 138 -21.35 -9.22 -19.79
N MET D 139 -21.69 -9.24 -18.51
CA MET D 139 -21.27 -10.36 -17.68
C MET D 139 -22.18 -11.59 -17.91
N ARG D 140 -23.24 -11.44 -18.71
CA ARG D 140 -24.23 -12.50 -18.90
C ARG D 140 -24.66 -13.00 -17.54
N MET D 141 -25.16 -12.08 -16.73
CA MET D 141 -25.61 -12.41 -15.39
C MET D 141 -26.79 -13.35 -15.50
N ASP D 142 -26.72 -14.47 -14.82
CA ASP D 142 -27.80 -15.45 -14.88
C ASP D 142 -28.83 -15.20 -13.79
N LYS D 143 -29.89 -16.01 -13.81
CA LYS D 143 -31.06 -15.80 -12.95
C LYS D 143 -30.74 -16.14 -11.49
N THR D 144 -29.96 -17.17 -11.25
CA THR D 144 -29.57 -17.53 -9.91
C THR D 144 -28.79 -16.37 -9.27
N GLU D 145 -27.86 -15.82 -10.03
CA GLU D 145 -27.01 -14.73 -9.59
C GLU D 145 -27.86 -13.51 -9.22
N LEU D 146 -28.84 -13.23 -10.06
CA LEU D 146 -29.78 -12.16 -9.80
C LEU D 146 -30.51 -12.37 -8.48
N GLY D 147 -31.06 -13.57 -8.32
CA GLY D 147 -31.86 -13.87 -7.15
C GLY D 147 -31.07 -13.74 -5.87
N CYS D 148 -29.83 -14.18 -5.89
CA CYS D 148 -28.95 -14.06 -4.73
C CYS D 148 -28.69 -12.61 -4.40
N LEU D 149 -28.36 -11.81 -5.40
CA LEU D 149 -28.18 -10.39 -5.17
C LEU D 149 -29.47 -9.79 -4.60
N ARG D 150 -30.61 -10.22 -5.09
CA ARG D 150 -31.85 -9.68 -4.59
C ARG D 150 -32.09 -10.13 -3.14
N ALA D 151 -31.71 -11.36 -2.84
CA ALA D 151 -31.83 -11.85 -1.47
C ALA D 151 -30.90 -11.08 -0.51
N ILE D 152 -29.70 -10.73 -0.98
CA ILE D 152 -28.78 -9.92 -0.21
C ILE D 152 -29.40 -8.56 0.09
N ILE D 153 -30.01 -7.95 -0.92
CA ILE D 153 -30.65 -6.66 -0.74
C ILE D 153 -31.79 -6.81 0.24
N LEU D 154 -32.61 -7.81 0.00
CA LEU D 154 -33.72 -8.11 0.89
C LEU D 154 -33.27 -8.19 2.34
N PHE D 155 -32.30 -9.04 2.65
CA PHE D 155 -31.90 -9.26 4.05
C PHE D 155 -30.97 -8.16 4.53
N ASN D 156 -31.53 -6.97 4.72
CA ASN D 156 -30.77 -5.78 5.09
C ASN D 156 -30.85 -5.53 6.58
N PRO D 157 -29.79 -5.88 7.33
CA PRO D 157 -29.84 -5.74 8.80
C PRO D 157 -29.76 -4.29 9.31
N ASP D 158 -29.47 -3.33 8.43
CA ASP D 158 -29.45 -1.91 8.80
C ASP D 158 -30.78 -1.21 8.61
N ALA D 159 -31.82 -1.96 8.26
CA ALA D 159 -33.16 -1.39 8.16
C ALA D 159 -33.70 -1.10 9.56
N LYS D 160 -34.22 0.10 9.76
CA LYS D 160 -34.60 0.57 11.09
C LYS D 160 -35.80 -0.16 11.67
N GLY D 161 -35.73 -0.40 12.98
CA GLY D 161 -36.85 -0.95 13.73
C GLY D 161 -36.95 -2.46 13.72
N LEU D 162 -35.91 -3.14 13.25
CA LEU D 162 -35.88 -4.61 13.31
C LEU D 162 -35.81 -5.07 14.77
N SER D 163 -36.55 -6.13 15.08
CA SER D 163 -36.51 -6.72 16.42
C SER D 163 -35.17 -7.44 16.65
N ASN D 164 -34.61 -8.05 15.61
CA ASN D 164 -33.30 -8.68 15.72
C ASN D 164 -32.47 -8.57 14.45
N PRO D 165 -31.65 -7.52 14.35
CA PRO D 165 -30.74 -7.33 13.23
C PRO D 165 -29.72 -8.45 13.05
N SER D 166 -29.28 -9.07 14.13
CA SER D 166 -28.32 -10.17 14.03
C SER D 166 -28.86 -11.29 13.17
N GLU D 167 -30.10 -11.67 13.46
CA GLU D 167 -30.75 -12.77 12.75
C GLU D 167 -30.69 -12.51 11.27
N VAL D 168 -31.02 -11.28 10.89
CA VAL D 168 -31.06 -10.86 9.50
C VAL D 168 -29.67 -10.80 8.90
N GLU D 169 -28.70 -10.34 9.68
CA GLU D 169 -27.33 -10.29 9.23
C GLU D 169 -26.86 -11.68 8.89
N VAL D 170 -27.21 -12.65 9.73
CA VAL D 170 -26.79 -14.03 9.54
C VAL D 170 -27.34 -14.62 8.22
N LEU D 171 -28.57 -14.28 7.89
CA LEU D 171 -29.18 -14.79 6.66
C LEU D 171 -28.52 -14.21 5.43
N ARG D 172 -28.17 -12.93 5.49
CA ARG D 172 -27.46 -12.29 4.40
C ARG D 172 -26.14 -13.01 4.19
N GLU D 173 -25.44 -13.25 5.28
CA GLU D 173 -24.14 -13.88 5.21
C GLU D 173 -24.21 -15.26 4.59
N LYS D 174 -25.29 -15.99 4.84
CA LYS D 174 -25.49 -17.27 4.16
C LYS D 174 -25.66 -17.08 2.65
N VAL D 175 -26.30 -15.99 2.24
CA VAL D 175 -26.40 -15.71 0.82
C VAL D 175 -25.01 -15.46 0.24
N TYR D 176 -24.18 -14.69 0.94
CA TYR D 176 -22.80 -14.49 0.50
C TYR D 176 -22.13 -15.82 0.17
N ALA D 177 -22.19 -16.74 1.11
CA ALA D 177 -21.52 -18.01 1.00
C ALA D 177 -22.08 -18.82 -0.16
N SER D 178 -23.41 -18.92 -0.22
CA SER D 178 -24.07 -19.70 -1.25
C SER D 178 -23.76 -19.14 -2.62
N LEU D 179 -23.83 -17.82 -2.74
CA LEU D 179 -23.53 -17.17 -4.00
C LEU D 179 -22.08 -17.41 -4.47
N GLU D 180 -21.12 -17.16 -3.59
CA GLU D 180 -19.70 -17.37 -3.91
C GLU D 180 -19.47 -18.82 -4.35
N THR D 181 -19.99 -19.75 -3.57
CA THR D 181 -19.89 -21.17 -3.90
C THR D 181 -20.40 -21.42 -5.31
N TYR D 182 -21.61 -20.93 -5.59
CA TYR D 182 -22.22 -21.07 -6.91
C TYR D 182 -21.29 -20.52 -7.99
N CYS D 183 -20.74 -19.33 -7.75
CA CYS D 183 -19.86 -18.68 -8.72
C CYS D 183 -18.58 -19.45 -9.02
N LYS D 184 -18.00 -20.06 -7.99
CA LYS D 184 -16.80 -20.87 -8.18
C LYS D 184 -17.11 -22.17 -8.91
N GLN D 185 -18.30 -22.73 -8.66
CA GLN D 185 -18.71 -23.96 -9.33
C GLN D 185 -19.07 -23.73 -10.79
N LYS D 186 -19.99 -22.80 -11.06
CA LYS D 186 -20.47 -22.61 -12.43
C LYS D 186 -19.55 -21.77 -13.31
N TYR D 187 -18.69 -20.95 -12.72
CA TYR D 187 -17.78 -20.12 -13.51
C TYR D 187 -16.38 -20.20 -12.92
N PRO D 188 -15.81 -21.42 -12.82
CA PRO D 188 -14.51 -21.59 -12.16
C PRO D 188 -13.41 -20.74 -12.78
N GLU D 189 -13.47 -20.58 -14.10
CA GLU D 189 -12.55 -19.72 -14.85
C GLU D 189 -12.61 -18.23 -14.41
N GLN D 190 -13.78 -17.78 -13.96
CA GLN D 190 -14.01 -16.37 -13.63
C GLN D 190 -13.74 -16.10 -12.15
N GLN D 191 -12.47 -15.91 -11.82
CA GLN D 191 -12.06 -15.80 -10.42
C GLN D 191 -12.63 -14.59 -9.68
N GLY D 192 -12.91 -13.51 -10.40
CA GLY D 192 -13.44 -12.31 -9.77
C GLY D 192 -14.92 -12.09 -10.00
N ARG D 193 -15.65 -13.13 -10.37
CA ARG D 193 -17.06 -13.00 -10.75
C ARG D 193 -17.91 -12.61 -9.57
N PHE D 194 -17.66 -13.27 -8.45
CA PHE D 194 -18.37 -13.01 -7.22
C PHE D 194 -18.26 -11.55 -6.81
N ALA D 195 -17.03 -11.02 -6.85
CA ALA D 195 -16.80 -9.62 -6.54
C ALA D 195 -17.51 -8.70 -7.53
N LYS D 196 -17.41 -9.05 -8.81
CA LYS D 196 -18.08 -8.29 -9.85
C LYS D 196 -19.56 -8.13 -9.59
N LEU D 197 -20.18 -9.17 -9.04
CA LEU D 197 -21.59 -9.15 -8.76
C LEU D 197 -21.88 -8.20 -7.62
N LEU D 198 -21.16 -8.37 -6.52
CA LEU D 198 -21.34 -7.52 -5.35
C LEU D 198 -21.08 -6.04 -5.64
N LEU D 199 -20.13 -5.74 -6.51
CA LEU D 199 -19.81 -4.35 -6.85
C LEU D 199 -20.89 -3.62 -7.69
N ARG D 200 -21.94 -4.33 -8.09
CA ARG D 200 -23.11 -3.66 -8.67
C ARG D 200 -23.97 -3.00 -7.58
N LEU D 201 -23.88 -3.52 -6.34
CA LEU D 201 -24.77 -3.08 -5.28
C LEU D 201 -24.61 -1.62 -4.84
N PRO D 202 -23.37 -1.12 -4.71
CA PRO D 202 -23.25 0.31 -4.45
C PRO D 202 -23.89 1.14 -5.56
N ALA D 203 -23.62 0.77 -6.81
CA ALA D 203 -24.24 1.48 -7.94
C ALA D 203 -25.75 1.44 -7.81
N LEU D 204 -26.27 0.26 -7.45
CA LEU D 204 -27.70 0.07 -7.30
C LEU D 204 -28.30 0.89 -6.17
N ARG D 205 -27.57 1.02 -5.05
CA ARG D 205 -28.06 1.79 -3.91
C ARG D 205 -28.24 3.26 -4.29
N SER D 206 -27.23 3.83 -4.95
CA SER D 206 -27.27 5.23 -5.32
C SER D 206 -28.37 5.50 -6.34
N ILE D 207 -28.48 4.60 -7.30
CA ILE D 207 -29.54 4.66 -8.28
C ILE D 207 -30.89 4.55 -7.60
N GLY D 208 -30.99 3.66 -6.61
CA GLY D 208 -32.22 3.50 -5.84
C GLY D 208 -32.64 4.77 -5.14
N LEU D 209 -31.68 5.51 -4.58
CA LEU D 209 -32.00 6.75 -3.90
C LEU D 209 -32.54 7.79 -4.87
N LYS D 210 -31.92 7.92 -6.04
CA LYS D 210 -32.40 8.88 -7.03
C LYS D 210 -33.80 8.52 -7.57
N CYS D 211 -34.08 7.22 -7.76
CA CYS D 211 -35.39 6.82 -8.27
C CYS D 211 -36.48 7.09 -7.26
N LEU D 212 -36.19 6.81 -6.00
CA LEU D 212 -37.13 7.06 -4.92
C LEU D 212 -37.49 8.54 -4.90
N GLU D 213 -36.46 9.39 -4.99
CA GLU D 213 -36.64 10.83 -5.18
C GLU D 213 -37.77 11.15 -6.18
N HIS D 214 -37.63 10.63 -7.40
CA HIS D 214 -38.60 10.87 -8.46
C HIS D 214 -39.97 10.35 -8.08
N LEU D 215 -40.05 9.19 -7.45
CA LEU D 215 -41.34 8.65 -7.02
C LEU D 215 -42.02 9.57 -6.01
N PHE D 216 -41.25 10.24 -5.17
CA PHE D 216 -41.80 11.20 -4.23
C PHE D 216 -42.31 12.43 -4.95
N PHE D 217 -41.69 12.79 -6.08
CA PHE D 217 -42.16 13.93 -6.86
C PHE D 217 -43.47 13.61 -7.51
N PHE D 218 -43.61 12.40 -8.03
CA PHE D 218 -44.88 11.98 -8.60
C PHE D 218 -45.96 11.98 -7.53
N LYS D 219 -45.63 11.57 -6.32
CA LYS D 219 -46.59 11.63 -5.20
C LYS D 219 -47.10 13.05 -4.98
N LEU D 220 -46.20 14.02 -5.06
CA LEU D 220 -46.57 15.42 -4.89
C LEU D 220 -47.30 16.04 -6.10
N ILE D 221 -47.41 15.32 -7.21
CA ILE D 221 -47.87 15.90 -8.48
C ILE D 221 -48.58 14.94 -9.47
N GLY D 222 -49.81 15.27 -9.88
CA GLY D 222 -50.39 14.75 -11.13
C GLY D 222 -50.67 13.26 -11.09
N ASP D 227 -51.72 5.39 -7.39
CA ASP D 227 -51.78 3.91 -7.36
C ASP D 227 -51.66 3.42 -5.90
N THR D 228 -52.52 2.48 -5.49
CA THR D 228 -52.78 2.23 -4.05
C THR D 228 -51.62 1.64 -3.22
N PHE D 229 -51.11 0.49 -3.62
CA PHE D 229 -50.09 -0.23 -2.85
C PHE D 229 -48.80 0.59 -2.85
N LEU D 230 -48.44 1.10 -4.03
CA LEU D 230 -47.30 1.99 -4.15
C LEU D 230 -47.40 3.15 -3.18
N MET D 231 -48.60 3.73 -3.06
CA MET D 231 -48.83 4.82 -2.15
C MET D 231 -48.51 4.42 -0.72
N GLU D 232 -48.97 3.23 -0.33
CA GLU D 232 -48.71 2.71 1.01
C GLU D 232 -47.22 2.57 1.28
N MET D 233 -46.46 2.15 0.28
CA MET D 233 -45.00 2.02 0.42
C MET D 233 -44.30 3.35 0.62
N LEU D 234 -44.79 4.39 -0.05
CA LEU D 234 -44.22 5.73 0.11
C LEU D 234 -44.54 6.41 1.45
N GLU D 235 -45.48 5.85 2.23
CA GLU D 235 -45.86 6.39 3.54
C GLU D 235 -44.99 5.84 4.68
N ALA D 236 -44.77 6.64 5.72
CA ALA D 236 -44.22 6.18 7.03
C ALA D 236 -45.29 6.20 8.14
N GLY D 241 -50.42 -1.60 10.39
CA GLY D 241 -51.11 -0.39 10.84
C GLY D 241 -51.62 0.45 9.69
N SER D 242 -50.79 1.39 9.23
CA SER D 242 -51.02 2.07 7.96
C SER D 242 -50.78 1.07 6.82
N HIS D 243 -49.80 0.19 7.01
CA HIS D 243 -49.38 -0.78 5.99
C HIS D 243 -50.32 -1.99 5.91
N LYS D 244 -51.61 -1.73 5.79
CA LYS D 244 -52.64 -2.76 5.87
C LYS D 244 -52.49 -3.73 4.71
N ILE D 245 -52.32 -3.21 3.51
CA ILE D 245 -52.22 -4.06 2.31
C ILE D 245 -51.09 -5.07 2.47
N LEU D 246 -49.93 -4.59 2.90
CA LEU D 246 -48.74 -5.43 3.03
C LEU D 246 -48.96 -6.53 4.05
N HIS D 247 -49.66 -6.22 5.14
CA HIS D 247 -50.05 -7.24 6.15
C HIS D 247 -50.95 -8.35 5.61
N ARG D 248 -52.07 -7.96 5.00
CA ARG D 248 -52.97 -8.94 4.42
C ARG D 248 -52.18 -9.97 3.61
N LEU D 249 -51.28 -9.46 2.78
CA LEU D 249 -50.52 -10.29 1.85
C LEU D 249 -49.52 -11.27 2.49
N LEU D 250 -48.99 -10.94 3.66
CA LEU D 250 -48.08 -11.87 4.32
C LEU D 250 -48.87 -12.82 5.22
N GLN D 251 -49.88 -13.48 4.65
CA GLN D 251 -50.58 -14.60 5.28
C GLN D 251 -50.81 -15.69 4.22
N ASP D 252 -51.61 -15.37 3.20
CA ASP D 252 -51.82 -16.26 2.04
C ASP D 252 -51.34 -15.60 0.76
O4 67S E . 21.72 -7.53 22.31
S 67S E . 20.57 -6.80 21.87
O3 67S E . 20.64 -5.42 22.26
C19 67S E . 19.28 -7.44 22.67
C18 67S E . 20.43 -6.80 20.27
C20 67S E . 19.27 -7.28 19.66
C16 67S E . 21.45 -6.29 19.45
C17 67S E . 22.77 -5.72 19.96
O2 67S E . 22.60 -4.29 20.05
C15 67S E . 21.29 -6.28 18.08
C14 67S E . 20.14 -6.77 17.50
C13 67S E . 19.11 -7.27 18.28
N4 67S E . 17.90 -7.80 17.63
C21 67S E . 17.44 -6.96 16.54
C4 67S E . 16.50 -7.74 15.64
C2 67S E . 17.19 -8.95 15.01
C3 67S E . 16.27 -10.15 14.82
C1 67S E . 17.71 -8.53 13.64
C12 67S E . 16.74 -8.12 18.50
C11 67S E . 15.51 -8.67 17.75
N1 67S E . 15.35 -8.11 16.43
C5 67S E . 14.16 -7.86 15.84
N2 67S E . 12.97 -8.11 16.39
C6 67S E . 11.85 -7.81 15.69
C7 67S E . 10.51 -8.09 16.33
F2 67S E . 9.73 -8.72 15.49
F1 67S E . 10.75 -8.83 17.41
F3 67S E . 9.95 -6.94 16.65
N3 67S E . 14.22 -7.31 14.62
C10 67S E . 13.14 -7.00 13.88
C8 67S E . 11.89 -7.25 14.41
C9 67S E . 10.64 -6.90 13.61
O1 67S E . 11.00 -6.42 12.31
O4 67S F . -8.08 14.18 11.27
S 67S F . -8.86 15.16 10.56
O3 67S F . -8.06 15.70 9.50
C19 67S F . -9.19 16.40 11.58
C18 67S F . -10.20 14.46 10.01
C20 67S F . -11.45 15.08 10.18
C16 67S F . -10.15 13.21 9.34
C17 67S F . -8.88 12.42 9.04
O2 67S F . -8.45 12.82 7.73
C15 67S F . -11.31 12.63 8.86
C14 67S F . -12.53 13.25 9.06
C13 67S F . -12.62 14.49 9.70
N4 67S F . -13.94 15.09 9.88
C21 67S F . -14.73 15.03 8.66
C4 67S F . -16.19 15.23 8.97
C2 67S F . -16.83 14.08 9.74
C3 67S F . -16.68 14.16 11.25
C1 67S F . -18.32 14.08 9.53
C12 67S F . -13.99 16.45 10.43
C11 67S F . -15.41 16.96 10.66
N1 67S F . -16.34 16.53 9.62
C5 67S F . -17.33 17.31 9.11
N2 67S F . -17.55 18.60 9.44
C6 67S F . -18.56 19.28 8.85
C7 67S F . -18.80 20.73 9.23
F2 67S F . -20.04 20.88 9.66
F1 67S F . -17.93 21.06 10.18
F3 67S F . -18.60 21.47 8.15
N3 67S F . -18.12 16.75 8.16
C10 67S F . -19.12 17.38 7.55
C8 67S F . -19.38 18.70 7.87
C9 67S F . -20.52 19.44 7.19
O1 67S F . -21.28 18.54 6.38
#